data_1LT6
#
_entry.id   1LT6
#
_cell.length_a   68.670
_cell.length_b   95.360
_cell.length_c   85.650
_cell.angle_alpha   90.00
_cell.angle_beta   100.77
_cell.angle_gamma   90.00
#
_symmetry.space_group_name_H-M   'P 1 21 1'
#
loop_
_entity.id
_entity.type
_entity.pdbx_description
1 polymer 'HEAT-LABILE ENTEROTOXIN'
2 non-polymer '3-nitrophenyl alpha-D-galactopyranoside'
3 water water
#
_entity_poly.entity_id   1
_entity_poly.type   'polypeptide(L)'
_entity_poly.pdbx_seq_one_letter_code
;APQTITELCSEYRNTQIYTINDKILSYTESMAGKREMVIITFKSGETFQVEVPGSQHIDSQKKAIERMKDTLRITYLTET
KIDKLCVWNNKTPNSIAAISMKN
;
_entity_poly.pdbx_strand_id   D,E,F,G,H,L,M,N,O,P
#
loop_
_chem_comp.id
_chem_comp.type
_chem_comp.name
_chem_comp.formula
GAA D-saccharide '3-nitrophenyl alpha-D-galactopyranoside' 'C12 H15 N O8'
#
# COMPACT_ATOMS: atom_id res chain seq x y z
N ALA A 1 -16.07 46.95 -2.36
CA ALA A 1 -15.73 46.10 -1.17
C ALA A 1 -15.73 44.66 -1.65
N PRO A 2 -14.92 43.77 -1.01
CA PRO A 2 -14.78 42.34 -1.33
C PRO A 2 -16.11 41.61 -1.29
N GLN A 3 -16.18 40.49 -1.98
CA GLN A 3 -17.40 39.68 -1.98
C GLN A 3 -17.11 38.46 -1.13
N THR A 4 -15.92 37.89 -1.34
CA THR A 4 -15.47 36.68 -0.66
C THR A 4 -14.45 36.92 0.46
N ILE A 5 -14.22 35.90 1.30
CA ILE A 5 -13.24 35.98 2.40
C ILE A 5 -11.84 35.91 1.76
N THR A 6 -11.77 35.21 0.63
CA THR A 6 -10.54 35.08 -0.11
C THR A 6 -10.05 36.40 -0.72
N GLU A 7 -10.91 37.21 -1.33
CA GLU A 7 -10.39 38.47 -1.86
C GLU A 7 -10.03 39.45 -0.76
N LEU A 8 -10.83 39.44 0.31
CA LEU A 8 -10.61 40.30 1.46
C LEU A 8 -9.27 39.93 2.08
N CYS A 9 -9.06 38.65 2.33
CA CYS A 9 -7.83 38.17 2.91
C CYS A 9 -6.62 38.63 2.11
N SER A 10 -6.83 38.73 0.81
CA SER A 10 -5.79 39.10 -0.13
C SER A 10 -5.33 40.55 -0.08
N GLU A 11 -6.03 41.40 0.66
CA GLU A 11 -5.65 42.81 0.74
C GLU A 11 -4.60 43.14 1.79
N TYR A 12 -4.30 42.21 2.68
CA TYR A 12 -3.31 42.48 3.73
C TYR A 12 -2.10 41.59 3.56
N ARG A 13 -1.02 41.92 4.27
CA ARG A 13 0.18 41.14 4.21
C ARG A 13 0.19 40.12 5.34
N ASN A 14 1.08 39.13 5.23
CA ASN A 14 1.24 38.09 6.24
C ASN A 14 -0.03 37.32 6.61
N THR A 15 -0.88 37.08 5.62
CA THR A 15 -2.14 36.38 5.84
C THR A 15 -2.23 35.18 4.91
N GLN A 16 -3.07 34.22 5.28
CA GLN A 16 -3.32 33.06 4.45
C GLN A 16 -4.67 32.46 4.82
N ILE A 17 -5.24 31.72 3.89
CA ILE A 17 -6.53 31.09 4.12
C ILE A 17 -6.37 29.65 4.55
N TYR A 18 -7.18 29.25 5.52
CA TYR A 18 -7.18 27.87 5.97
C TYR A 18 -8.57 27.36 5.63
N THR A 19 -8.67 26.21 4.98
CA THR A 19 -9.99 25.68 4.70
C THR A 19 -10.16 24.60 5.77
N ILE A 20 -11.08 24.88 6.69
CA ILE A 20 -11.35 23.99 7.79
C ILE A 20 -12.49 23.03 7.50
N ASN A 21 -13.68 23.59 7.38
CA ASN A 21 -14.88 22.81 7.14
C ASN A 21 -15.03 21.80 8.25
N ASP A 22 -15.23 22.31 9.46
CA ASP A 22 -15.40 21.48 10.65
C ASP A 22 -15.74 22.41 11.82
N LYS A 23 -16.41 21.87 12.84
CA LYS A 23 -16.76 22.66 14.00
C LYS A 23 -15.53 22.74 14.89
N ILE A 24 -15.53 23.65 15.85
CA ILE A 24 -14.40 23.86 16.74
C ILE A 24 -14.36 22.79 17.80
N LEU A 25 -13.17 22.28 18.11
CA LEU A 25 -13.03 21.22 19.13
C LEU A 25 -13.01 21.72 20.55
N SER A 26 -12.22 22.76 20.78
CA SER A 26 -12.11 23.33 22.11
C SER A 26 -12.00 24.84 22.06
N TYR A 27 -12.57 25.44 23.08
CA TYR A 27 -12.62 26.87 23.28
C TYR A 27 -12.02 27.20 24.66
N THR A 28 -11.11 28.14 24.66
CA THR A 28 -10.47 28.56 25.88
C THR A 28 -10.65 30.07 25.96
N GLU A 29 -10.94 30.55 27.16
CA GLU A 29 -11.15 31.98 27.34
C GLU A 29 -10.47 32.40 28.63
N SER A 30 -9.65 33.43 28.56
CA SER A 30 -8.88 33.92 29.68
C SER A 30 -9.10 35.40 29.97
N MET A 31 -9.19 35.70 31.27
CA MET A 31 -9.36 37.04 31.78
C MET A 31 -8.10 37.41 32.56
N ALA A 32 -7.08 36.55 32.52
CA ALA A 32 -5.84 36.80 33.23
C ALA A 32 -5.21 38.04 32.64
N GLY A 33 -4.68 38.89 33.51
CA GLY A 33 -4.07 40.15 33.11
C GLY A 33 -3.02 40.07 32.01
N LYS A 34 -3.16 40.96 31.02
CA LYS A 34 -2.25 40.99 29.87
C LYS A 34 -2.49 39.78 28.96
N ARG A 35 -3.39 38.88 29.35
CA ARG A 35 -3.70 37.68 28.56
C ARG A 35 -5.21 37.47 28.27
N GLU A 36 -5.95 38.56 28.23
CA GLU A 36 -7.39 38.52 27.97
C GLU A 36 -7.57 38.07 26.53
N MET A 37 -7.65 36.76 26.33
CA MET A 37 -7.77 36.24 24.98
C MET A 37 -8.64 35.01 24.82
N VAL A 38 -8.75 34.58 23.58
CA VAL A 38 -9.55 33.43 23.24
C VAL A 38 -8.77 32.53 22.31
N ILE A 39 -8.82 31.22 22.58
CA ILE A 39 -8.12 30.23 21.76
C ILE A 39 -8.99 29.08 21.31
N ILE A 40 -8.96 28.76 20.01
CA ILE A 40 -9.74 27.64 19.54
C ILE A 40 -8.79 26.62 18.91
N THR A 41 -9.19 25.36 19.00
CA THR A 41 -8.42 24.26 18.44
C THR A 41 -9.31 23.36 17.65
N PHE A 42 -8.74 22.77 16.61
CA PHE A 42 -9.48 21.84 15.78
C PHE A 42 -8.87 20.45 15.93
N LYS A 43 -9.72 19.45 15.76
CA LYS A 43 -9.39 18.02 15.87
C LYS A 43 -8.01 17.62 15.30
N SER A 44 -7.64 18.19 14.15
CA SER A 44 -6.36 17.87 13.51
C SER A 44 -5.20 18.69 14.04
N GLY A 45 -5.42 19.31 15.19
CA GLY A 45 -4.38 20.09 15.81
C GLY A 45 -4.33 21.58 15.60
N GLU A 46 -4.84 22.08 14.48
CA GLU A 46 -4.76 23.53 14.23
C GLU A 46 -5.32 24.34 15.38
N THR A 47 -4.53 25.35 15.75
CA THR A 47 -4.83 26.27 16.83
C THR A 47 -4.74 27.73 16.37
N PHE A 48 -5.77 28.50 16.69
CA PHE A 48 -5.84 29.88 16.32
C PHE A 48 -6.24 30.70 17.53
N GLN A 49 -5.85 31.96 17.53
CA GLN A 49 -6.19 32.83 18.62
C GLN A 49 -6.82 34.11 18.13
N VAL A 50 -7.49 34.79 19.04
CA VAL A 50 -8.04 36.12 18.78
C VAL A 50 -7.19 36.88 19.78
N GLU A 51 -6.16 37.54 19.29
CA GLU A 51 -5.22 38.27 20.14
C GLU A 51 -5.83 39.22 21.16
N VAL A 52 -5.05 39.54 22.19
CA VAL A 52 -5.44 40.51 23.21
C VAL A 52 -5.33 41.85 22.48
N PRO A 53 -6.27 42.78 22.71
CA PRO A 53 -6.15 44.07 22.00
C PRO A 53 -4.82 44.74 22.36
N GLY A 54 -4.32 45.57 21.45
CA GLY A 54 -3.08 46.25 21.71
C GLY A 54 -2.88 47.35 20.72
N SER A 55 -1.65 47.79 20.59
CA SER A 55 -1.30 48.88 19.70
C SER A 55 -1.31 48.54 18.22
N GLN A 56 -1.22 47.26 17.89
CA GLN A 56 -1.23 46.83 16.49
C GLN A 56 -2.57 47.11 15.86
N HIS A 57 -3.62 47.04 16.66
CA HIS A 57 -4.99 47.22 16.18
C HIS A 57 -5.43 48.67 16.06
N ILE A 58 -6.39 48.93 15.20
CA ILE A 58 -6.89 50.27 15.10
C ILE A 58 -8.15 50.37 15.95
N ASP A 59 -8.55 51.60 16.26
CA ASP A 59 -9.71 51.87 17.09
C ASP A 59 -10.97 51.13 16.58
N SER A 60 -11.13 51.05 15.27
CA SER A 60 -12.28 50.38 14.68
C SER A 60 -12.26 48.89 14.98
N GLN A 61 -11.05 48.33 15.14
CA GLN A 61 -10.90 46.92 15.45
C GLN A 61 -11.31 46.54 16.84
N LYS A 62 -11.23 47.49 17.75
CA LYS A 62 -11.58 47.27 19.14
C LYS A 62 -12.98 46.70 19.28
N LYS A 63 -13.95 47.28 18.60
CA LYS A 63 -15.31 46.72 18.70
C LYS A 63 -15.42 45.41 17.94
N ALA A 64 -14.59 45.23 16.92
CA ALA A 64 -14.57 44.04 16.07
C ALA A 64 -13.96 42.82 16.74
N ILE A 65 -12.97 43.05 17.59
CA ILE A 65 -12.34 41.94 18.29
C ILE A 65 -13.37 41.28 19.23
N GLU A 66 -14.13 42.11 19.93
CA GLU A 66 -15.15 41.66 20.87
C GLU A 66 -16.25 40.86 20.18
N ARG A 67 -16.67 41.37 19.03
CA ARG A 67 -17.67 40.69 18.22
C ARG A 67 -17.10 39.32 17.80
N MET A 68 -15.84 39.27 17.36
CA MET A 68 -15.25 38.00 16.93
C MET A 68 -15.27 36.96 18.03
N LYS A 69 -15.02 37.40 19.25
CA LYS A 69 -15.03 36.47 20.36
C LYS A 69 -16.43 35.99 20.66
N ASP A 70 -17.41 36.89 20.61
CA ASP A 70 -18.78 36.47 20.86
C ASP A 70 -19.17 35.41 19.81
N THR A 71 -18.65 35.58 18.60
CA THR A 71 -18.92 34.71 17.48
C THR A 71 -18.37 33.32 17.65
N LEU A 72 -17.14 33.25 18.14
CA LEU A 72 -16.48 31.97 18.33
C LEU A 72 -17.16 31.15 19.42
N ARG A 73 -17.65 31.82 20.46
CA ARG A 73 -18.32 31.15 21.58
C ARG A 73 -19.67 30.54 21.15
N ILE A 74 -20.50 31.32 20.46
CA ILE A 74 -21.80 30.78 20.04
C ILE A 74 -21.62 29.68 18.99
N THR A 75 -20.65 29.86 18.10
CA THR A 75 -20.32 28.87 17.08
C THR A 75 -19.92 27.55 17.78
N TYR A 76 -19.02 27.64 18.76
CA TYR A 76 -18.59 26.45 19.48
C TYR A 76 -19.78 25.82 20.18
N LEU A 77 -20.51 26.63 20.95
CA LEU A 77 -21.67 26.12 21.69
C LEU A 77 -22.73 25.49 20.79
N THR A 78 -22.80 25.94 19.55
CA THR A 78 -23.80 25.40 18.67
C THR A 78 -23.21 24.33 17.80
N GLU A 79 -21.90 24.13 17.91
CA GLU A 79 -21.17 23.16 17.09
C GLU A 79 -21.34 23.50 15.62
N THR A 80 -21.36 24.80 15.33
CA THR A 80 -21.51 25.29 13.97
C THR A 80 -20.22 25.19 13.15
N LYS A 81 -20.36 24.62 11.96
CA LYS A 81 -19.22 24.39 11.07
C LYS A 81 -18.60 25.66 10.46
N ILE A 82 -17.29 25.75 10.59
CA ILE A 82 -16.53 26.87 10.05
C ILE A 82 -15.98 26.47 8.69
N ASP A 83 -16.20 27.33 7.68
CA ASP A 83 -15.69 27.03 6.34
C ASP A 83 -14.25 27.42 6.23
N LYS A 84 -14.00 28.72 6.19
CA LYS A 84 -12.63 29.19 6.07
C LYS A 84 -12.27 30.26 7.09
N LEU A 85 -10.97 30.32 7.32
CA LEU A 85 -10.34 31.25 8.23
C LEU A 85 -9.27 32.03 7.46
N CYS A 86 -9.17 33.32 7.75
CA CYS A 86 -8.17 34.18 7.16
C CYS A 86 -7.39 34.54 8.38
N VAL A 87 -6.16 34.05 8.45
CA VAL A 87 -5.32 34.31 9.62
C VAL A 87 -3.98 34.95 9.28
N TRP A 88 -3.53 35.83 10.17
CA TRP A 88 -2.23 36.47 10.05
C TRP A 88 -1.32 35.37 10.54
N ASN A 89 -0.29 35.03 9.76
CA ASN A 89 0.63 33.97 10.15
C ASN A 89 1.98 34.42 10.73
N ASN A 90 2.05 35.64 11.23
CA ASN A 90 3.29 36.13 11.85
C ASN A 90 3.20 36.11 13.38
N LYS A 91 2.20 35.38 13.90
CA LYS A 91 1.92 35.23 15.33
C LYS A 91 1.78 33.74 15.65
N THR A 92 2.11 33.36 16.89
CA THR A 92 1.97 31.98 17.36
C THR A 92 1.14 31.94 18.66
N PRO A 93 -0.02 31.26 18.61
CA PRO A 93 -0.54 30.58 17.42
C PRO A 93 -1.08 31.64 16.45
N ASN A 94 -1.33 31.23 15.21
CA ASN A 94 -1.83 32.15 14.21
C ASN A 94 -3.06 32.96 14.67
N SER A 95 -3.11 34.22 14.25
CA SER A 95 -4.18 35.16 14.63
C SER A 95 -5.32 35.25 13.63
N ILE A 96 -6.55 35.23 14.12
CA ILE A 96 -7.74 35.28 13.26
C ILE A 96 -8.06 36.67 12.75
N ALA A 97 -8.17 36.80 11.43
CA ALA A 97 -8.52 38.08 10.83
C ALA A 97 -9.99 38.08 10.38
N ALA A 98 -10.39 36.97 9.74
CA ALA A 98 -11.77 36.80 9.25
C ALA A 98 -12.16 35.35 9.32
N ILE A 99 -13.46 35.09 9.36
CA ILE A 99 -13.99 33.74 9.43
C ILE A 99 -15.23 33.68 8.54
N SER A 100 -15.54 32.51 7.99
CA SER A 100 -16.73 32.33 7.19
C SER A 100 -17.38 31.00 7.60
N MET A 101 -18.70 30.94 7.52
CA MET A 101 -19.46 29.74 7.87
C MET A 101 -20.39 29.48 6.69
N LYS A 102 -20.51 28.21 6.28
CA LYS A 102 -21.32 27.92 5.10
C LYS A 102 -22.37 26.89 5.39
N ASN A 103 -23.56 27.19 4.84
CA ASN A 103 -24.72 26.36 5.01
C ASN A 103 -25.08 25.59 3.75
N ALA B 1 -44.98 56.70 11.48
CA ALA B 1 -43.77 56.08 10.87
C ALA B 1 -44.20 55.02 9.86
N PRO B 2 -43.26 54.49 9.06
CA PRO B 2 -43.66 53.47 8.10
C PRO B 2 -44.30 52.28 8.82
N GLN B 3 -44.92 51.39 8.07
CA GLN B 3 -45.54 50.22 8.67
C GLN B 3 -45.08 48.94 8.01
N THR B 4 -44.30 49.10 6.95
CA THR B 4 -43.81 47.98 6.15
C THR B 4 -42.45 48.31 5.57
N ILE B 5 -41.59 47.30 5.46
CA ILE B 5 -40.26 47.50 4.91
C ILE B 5 -40.27 48.24 3.56
N THR B 6 -41.15 47.83 2.65
CA THR B 6 -41.25 48.46 1.33
C THR B 6 -41.48 49.95 1.44
N GLU B 7 -42.46 50.31 2.24
CA GLU B 7 -42.83 51.70 2.49
C GLU B 7 -41.62 52.47 3.03
N LEU B 8 -40.94 51.83 3.97
CA LEU B 8 -39.76 52.41 4.58
C LEU B 8 -38.70 52.61 3.50
N CYS B 9 -38.55 51.61 2.65
CA CYS B 9 -37.56 51.65 1.60
C CYS B 9 -37.75 52.79 0.63
N SER B 10 -39.00 53.10 0.33
CA SER B 10 -39.32 54.18 -0.63
C SER B 10 -38.86 55.56 -0.18
N GLU B 11 -38.75 55.75 1.13
CA GLU B 11 -38.34 57.03 1.69
C GLU B 11 -36.93 57.45 1.33
N TYR B 12 -36.16 56.53 0.77
CA TYR B 12 -34.78 56.83 0.48
C TYR B 12 -34.35 56.84 -0.98
N ARG B 13 -33.31 57.59 -1.28
CA ARG B 13 -32.78 57.66 -2.63
C ARG B 13 -31.79 56.51 -2.78
N ASN B 14 -31.69 55.96 -3.97
CA ASN B 14 -30.76 54.85 -4.28
C ASN B 14 -30.99 53.53 -3.56
N THR B 15 -32.25 53.24 -3.22
CA THR B 15 -32.57 52.02 -2.54
C THR B 15 -33.40 51.10 -3.43
N GLN B 16 -33.61 49.87 -2.98
CA GLN B 16 -34.35 48.91 -3.78
C GLN B 16 -34.62 47.66 -2.99
N ILE B 17 -35.83 47.13 -3.12
CA ILE B 17 -36.23 45.92 -2.41
C ILE B 17 -35.89 44.66 -3.21
N TYR B 18 -35.48 43.63 -2.49
CA TYR B 18 -35.17 42.34 -3.06
C TYR B 18 -35.98 41.35 -2.24
N THR B 19 -36.70 40.48 -2.93
CA THR B 19 -37.51 39.50 -2.23
C THR B 19 -36.65 38.27 -2.24
N ILE B 20 -36.24 37.85 -1.05
CA ILE B 20 -35.37 36.71 -0.87
C ILE B 20 -36.13 35.42 -0.59
N ASN B 21 -36.89 35.41 0.50
CA ASN B 21 -37.67 34.24 0.91
C ASN B 21 -36.81 32.98 0.98
N ASP B 22 -35.78 33.01 1.82
CA ASP B 22 -34.84 31.89 1.92
C ASP B 22 -33.89 32.17 3.09
N LYS B 23 -33.15 31.14 3.50
CA LYS B 23 -32.21 31.31 4.60
C LYS B 23 -30.85 31.76 4.05
N ILE B 24 -29.99 32.28 4.93
CA ILE B 24 -28.64 32.74 4.54
C ILE B 24 -27.76 31.52 4.27
N LEU B 25 -27.15 31.47 3.09
CA LEU B 25 -26.28 30.36 2.71
C LEU B 25 -24.95 30.43 3.44
N SER B 26 -24.32 31.58 3.40
CA SER B 26 -23.03 31.74 4.03
C SER B 26 -22.95 33.06 4.81
N TYR B 27 -22.12 33.06 5.85
CA TYR B 27 -21.91 34.25 6.68
C TYR B 27 -20.40 34.43 6.86
N THR B 28 -19.88 35.59 6.47
CA THR B 28 -18.48 35.92 6.62
C THR B 28 -18.36 37.13 7.53
N GLU B 29 -17.33 37.15 8.38
CA GLU B 29 -17.09 38.24 9.33
C GLU B 29 -15.61 38.57 9.39
N SER B 30 -15.32 39.87 9.37
CA SER B 30 -13.95 40.37 9.35
C SER B 30 -13.66 41.42 10.41
N MET B 31 -12.56 41.25 11.13
CA MET B 31 -12.14 42.22 12.15
C MET B 31 -10.84 42.88 11.71
N ALA B 32 -10.50 42.68 10.45
CA ALA B 32 -9.27 43.23 9.87
C ALA B 32 -9.47 44.71 9.65
N GLY B 33 -8.38 45.45 9.88
CA GLY B 33 -8.40 46.89 9.79
C GLY B 33 -9.08 47.47 8.59
N LYS B 34 -10.12 48.26 8.86
CA LYS B 34 -10.91 48.96 7.84
C LYS B 34 -11.79 48.08 6.97
N ARG B 35 -11.92 46.81 7.33
CA ARG B 35 -12.74 45.87 6.57
C ARG B 35 -13.59 45.16 7.61
N GLU B 36 -13.88 45.86 8.70
CA GLU B 36 -14.67 45.31 9.78
C GLU B 36 -16.09 45.24 9.27
N MET B 37 -16.45 44.13 8.65
CA MET B 37 -17.77 44.03 8.07
C MET B 37 -18.31 42.61 8.10
N VAL B 38 -19.57 42.52 7.70
CA VAL B 38 -20.27 41.25 7.63
C VAL B 38 -20.77 41.11 6.22
N ILE B 39 -20.57 39.93 5.66
CA ILE B 39 -21.01 39.65 4.31
C ILE B 39 -21.92 38.43 4.28
N ILE B 40 -23.11 38.59 3.68
CA ILE B 40 -24.02 37.48 3.58
C ILE B 40 -24.22 37.05 2.12
N THR B 41 -24.64 35.80 1.96
CA THR B 41 -24.79 35.24 0.64
C THR B 41 -25.97 34.28 0.59
N PHE B 42 -26.59 34.16 -0.57
CA PHE B 42 -27.72 33.25 -0.75
C PHE B 42 -27.45 32.27 -1.88
N LYS B 43 -28.28 31.23 -1.98
CA LYS B 43 -28.08 30.19 -2.97
C LYS B 43 -28.22 30.69 -4.39
N SER B 44 -29.02 31.75 -4.57
CA SER B 44 -29.19 32.38 -5.88
C SER B 44 -27.91 33.11 -6.32
N GLY B 45 -26.97 33.27 -5.39
CA GLY B 45 -25.73 33.94 -5.71
C GLY B 45 -25.72 35.40 -5.34
N GLU B 46 -26.77 35.84 -4.63
CA GLU B 46 -26.87 37.24 -4.21
C GLU B 46 -25.98 37.50 -3.00
N THR B 47 -25.09 38.48 -3.11
CA THR B 47 -24.19 38.80 -1.99
C THR B 47 -24.53 40.18 -1.46
N PHE B 48 -24.61 40.33 -0.15
CA PHE B 48 -24.89 41.63 0.44
C PHE B 48 -23.97 41.88 1.62
N GLN B 49 -23.74 43.15 1.92
CA GLN B 49 -22.85 43.49 3.03
C GLN B 49 -23.51 44.49 3.98
N VAL B 50 -22.82 44.66 5.11
CA VAL B 50 -23.19 45.65 6.12
C VAL B 50 -21.86 46.38 6.11
N GLU B 51 -21.93 47.60 5.63
CA GLU B 51 -20.79 48.47 5.49
C GLU B 51 -20.02 48.79 6.76
N VAL B 52 -18.77 49.19 6.57
CA VAL B 52 -17.93 49.58 7.67
C VAL B 52 -18.46 50.95 8.13
N PRO B 53 -18.51 51.20 9.45
CA PRO B 53 -18.99 52.50 9.88
C PRO B 53 -18.10 53.58 9.26
N GLY B 54 -18.68 54.49 8.48
CA GLY B 54 -17.86 55.52 7.87
C GLY B 54 -18.52 56.88 8.00
N SER B 55 -17.97 57.87 7.29
CA SER B 55 -18.50 59.24 7.32
C SER B 55 -19.92 59.32 6.75
N GLN B 56 -20.31 58.32 5.97
CA GLN B 56 -21.65 58.26 5.36
C GLN B 56 -22.75 58.02 6.40
N HIS B 57 -22.39 57.53 7.59
CA HIS B 57 -23.39 57.25 8.62
C HIS B 57 -23.51 58.38 9.64
N ILE B 58 -24.74 58.58 10.13
CA ILE B 58 -24.99 59.59 11.15
C ILE B 58 -24.82 58.88 12.50
N ASP B 59 -24.70 59.64 13.59
CA ASP B 59 -24.51 59.05 14.89
C ASP B 59 -25.56 58.02 15.32
N SER B 60 -26.84 58.29 15.07
CA SER B 60 -27.86 57.33 15.47
C SER B 60 -27.78 56.01 14.70
N GLN B 61 -27.16 56.03 13.53
CA GLN B 61 -27.02 54.83 12.71
C GLN B 61 -25.97 53.87 13.24
N LYS B 62 -24.97 54.43 13.93
CA LYS B 62 -23.84 53.69 14.48
C LYS B 62 -24.23 52.49 15.34
N LYS B 63 -25.14 52.71 16.29
CA LYS B 63 -25.58 51.61 17.15
C LYS B 63 -26.41 50.59 16.38
N ALA B 64 -27.21 51.08 15.44
CA ALA B 64 -28.08 50.23 14.65
C ALA B 64 -27.28 49.31 13.71
N ILE B 65 -26.08 49.74 13.32
CA ILE B 65 -25.24 48.93 12.46
C ILE B 65 -24.80 47.69 13.23
N GLU B 66 -24.41 47.91 14.49
CA GLU B 66 -23.98 46.82 15.32
C GLU B 66 -25.10 45.79 15.50
N ARG B 67 -26.30 46.30 15.73
CA ARG B 67 -27.47 45.45 15.90
C ARG B 67 -27.76 44.71 14.63
N MET B 68 -27.54 45.36 13.50
CA MET B 68 -27.79 44.73 12.18
C MET B 68 -26.87 43.53 12.02
N LYS B 69 -25.64 43.66 12.51
CA LYS B 69 -24.69 42.58 12.44
C LYS B 69 -25.05 41.43 13.40
N ASP B 70 -25.59 41.76 14.57
CA ASP B 70 -26.00 40.70 15.50
C ASP B 70 -27.12 39.88 14.92
N THR B 71 -28.10 40.55 14.35
CA THR B 71 -29.26 39.89 13.77
C THR B 71 -28.92 38.88 12.67
N LEU B 72 -28.06 39.29 11.75
CA LEU B 72 -27.66 38.42 10.64
C LEU B 72 -26.92 37.20 11.14
N ARG B 73 -26.15 37.36 12.20
CA ARG B 73 -25.42 36.23 12.74
C ARG B 73 -26.42 35.23 13.33
N ILE B 74 -27.20 35.64 14.33
CA ILE B 74 -28.14 34.73 14.96
C ILE B 74 -29.13 34.18 13.92
N THR B 75 -29.49 35.03 12.96
CA THR B 75 -30.41 34.62 11.91
C THR B 75 -29.82 33.49 11.11
N TYR B 76 -28.51 33.57 10.86
CA TYR B 76 -27.83 32.52 10.10
C TYR B 76 -27.79 31.23 10.91
N LEU B 77 -27.30 31.34 12.15
CA LEU B 77 -27.17 30.21 13.05
C LEU B 77 -28.47 29.45 13.30
N THR B 78 -29.59 30.17 13.33
CA THR B 78 -30.90 29.57 13.56
C THR B 78 -31.57 29.09 12.26
N GLU B 79 -30.84 29.21 11.15
CA GLU B 79 -31.33 28.86 9.83
C GLU B 79 -32.67 29.56 9.52
N THR B 80 -32.82 30.79 10.01
CA THR B 80 -34.05 31.53 9.79
C THR B 80 -34.18 32.13 8.38
N LYS B 81 -35.40 32.18 7.86
CA LYS B 81 -35.62 32.72 6.54
C LYS B 81 -35.92 34.21 6.50
N ILE B 82 -35.26 34.88 5.56
CA ILE B 82 -35.45 36.31 5.34
C ILE B 82 -36.58 36.41 4.29
N ASP B 83 -37.50 37.35 4.48
CA ASP B 83 -38.57 37.59 3.53
C ASP B 83 -38.03 38.59 2.51
N LYS B 84 -37.80 39.82 2.95
CA LYS B 84 -37.31 40.84 2.05
C LYS B 84 -36.18 41.61 2.67
N LEU B 85 -35.61 42.49 1.88
CA LEU B 85 -34.55 43.34 2.35
C LEU B 85 -34.44 44.55 1.46
N CYS B 86 -34.26 45.69 2.12
CA CYS B 86 -34.11 46.97 1.47
C CYS B 86 -32.59 47.19 1.45
N VAL B 87 -32.07 47.53 0.27
CA VAL B 87 -30.64 47.74 0.11
C VAL B 87 -30.29 49.03 -0.63
N TRP B 88 -29.01 49.40 -0.55
CA TRP B 88 -28.42 50.55 -1.26
C TRP B 88 -27.70 49.91 -2.46
N ASN B 89 -28.19 50.20 -3.67
CA ASN B 89 -27.62 49.66 -4.90
C ASN B 89 -26.47 50.48 -5.50
N ASN B 90 -26.03 51.50 -4.79
CA ASN B 90 -24.93 52.30 -5.28
C ASN B 90 -23.61 51.85 -4.65
N LYS B 91 -23.63 50.66 -4.05
CA LYS B 91 -22.44 50.06 -3.43
C LYS B 91 -22.34 48.65 -3.98
N THR B 92 -21.15 48.06 -3.88
CA THR B 92 -20.90 46.69 -4.36
C THR B 92 -20.04 45.93 -3.31
N PRO B 93 -20.62 44.90 -2.65
CA PRO B 93 -22.00 44.40 -2.71
C PRO B 93 -23.02 45.44 -2.29
N ASN B 94 -24.28 45.22 -2.61
CA ASN B 94 -25.32 46.16 -2.19
C ASN B 94 -25.33 46.10 -0.65
N SER B 95 -25.49 47.28 -0.07
CA SER B 95 -25.49 47.48 1.36
C SER B 95 -26.89 47.31 1.97
N ILE B 96 -27.00 46.50 3.03
CA ILE B 96 -28.29 46.26 3.70
C ILE B 96 -28.77 47.48 4.47
N ALA B 97 -30.03 47.86 4.28
CA ALA B 97 -30.57 49.04 4.97
C ALA B 97 -31.67 48.61 5.93
N ALA B 98 -32.27 47.47 5.64
CA ALA B 98 -33.30 46.96 6.50
C ALA B 98 -33.58 45.58 6.03
N ILE B 99 -34.11 44.78 6.95
CA ILE B 99 -34.44 43.39 6.70
C ILE B 99 -35.80 43.08 7.32
N SER B 100 -36.53 42.11 6.75
CA SER B 100 -37.82 41.68 7.31
C SER B 100 -37.91 40.14 7.29
N MET B 101 -38.53 39.57 8.33
CA MET B 101 -38.69 38.10 8.42
C MET B 101 -40.15 37.79 8.66
N LYS B 102 -40.61 36.62 8.22
CA LYS B 102 -42.02 36.25 8.35
C LYS B 102 -42.35 34.79 8.73
N ASN B 103 -43.56 34.62 9.27
CA ASN B 103 -44.15 33.34 9.68
C ASN B 103 -43.58 32.70 10.92
N ALA C 1 -44.20 49.47 44.15
CA ALA C 1 -44.11 49.41 42.65
C ALA C 1 -45.27 48.63 42.03
N PRO C 2 -45.47 48.76 40.71
CA PRO C 2 -46.53 48.07 39.97
C PRO C 2 -46.31 46.55 39.91
N GLN C 3 -47.35 45.76 40.12
CA GLN C 3 -47.22 44.30 40.11
C GLN C 3 -47.60 43.61 38.80
N THR C 4 -48.29 44.32 37.92
CA THR C 4 -48.70 43.76 36.63
C THR C 4 -48.59 44.80 35.53
N ILE C 5 -48.62 44.34 34.30
CA ILE C 5 -48.54 45.22 33.15
C ILE C 5 -49.76 46.16 33.06
N THR C 6 -50.94 45.64 33.37
CA THR C 6 -52.16 46.43 33.30
C THR C 6 -52.09 47.49 34.38
N GLU C 7 -51.40 47.20 35.47
CA GLU C 7 -51.26 48.20 36.52
C GLU C 7 -50.32 49.31 36.06
N LEU C 8 -49.22 48.88 35.46
CA LEU C 8 -48.17 49.78 34.98
C LEU C 8 -48.67 50.69 33.88
N CYS C 9 -49.34 50.11 32.90
CA CYS C 9 -49.88 50.83 31.78
C CYS C 9 -50.71 52.00 32.25
N SER C 10 -51.54 51.71 33.24
CA SER C 10 -52.46 52.67 33.83
C SER C 10 -51.85 53.96 34.39
N GLU C 11 -50.53 53.99 34.54
CA GLU C 11 -49.89 55.17 35.08
C GLU C 11 -49.59 56.29 34.09
N TYR C 12 -49.85 56.05 32.81
CA TYR C 12 -49.56 57.04 31.79
C TYR C 12 -50.77 57.35 30.93
N ARG C 13 -50.72 58.50 30.27
CA ARG C 13 -51.82 58.87 29.37
C ARG C 13 -51.51 58.40 27.94
N ASN C 14 -52.55 58.36 27.12
CA ASN C 14 -52.44 57.91 25.73
C ASN C 14 -51.88 56.48 25.65
N THR C 15 -52.36 55.60 26.54
CA THR C 15 -51.93 54.21 26.55
C THR C 15 -53.13 53.28 26.60
N GLN C 16 -52.96 52.05 26.14
CA GLN C 16 -54.01 51.04 26.19
C GLN C 16 -53.40 49.65 26.05
N ILE C 17 -54.02 48.69 26.73
CA ILE C 17 -53.59 47.30 26.70
C ILE C 17 -54.19 46.58 25.51
N TYR C 18 -53.35 45.81 24.84
CA TYR C 18 -53.79 45.02 23.71
C TYR C 18 -53.48 43.58 24.08
N THR C 19 -54.52 42.79 24.29
CA THR C 19 -54.35 41.38 24.64
C THR C 19 -54.14 40.62 23.34
N ILE C 20 -52.89 40.22 23.08
CA ILE C 20 -52.54 39.51 21.82
C ILE C 20 -52.65 37.97 21.90
N ASN C 21 -51.97 37.40 22.88
CA ASN C 21 -51.91 35.97 23.10
C ASN C 21 -51.57 35.25 21.80
N ASP C 22 -50.58 35.76 21.10
CA ASP C 22 -50.18 35.16 19.83
C ASP C 22 -48.70 35.45 19.58
N LYS C 23 -48.04 34.57 18.82
CA LYS C 23 -46.62 34.79 18.50
C LYS C 23 -46.55 35.89 17.44
N ILE C 24 -45.36 36.45 17.22
CA ILE C 24 -45.18 37.51 16.22
C ILE C 24 -45.14 36.90 14.82
N LEU C 25 -45.84 37.52 13.90
CA LEU C 25 -45.87 37.05 12.52
C LEU C 25 -44.69 37.60 11.67
N SER C 26 -44.41 38.89 11.78
CA SER C 26 -43.33 39.46 11.01
C SER C 26 -42.49 40.36 11.88
N TYR C 27 -41.22 40.43 11.52
CA TYR C 27 -40.24 41.22 12.23
C TYR C 27 -39.46 42.05 11.21
N THR C 28 -39.42 43.35 11.41
CA THR C 28 -38.73 44.23 10.50
C THR C 28 -37.75 45.13 11.23
N GLU C 29 -36.53 45.21 10.71
CA GLU C 29 -35.49 46.05 11.31
C GLU C 29 -34.84 46.98 10.30
N SER C 30 -34.71 48.24 10.67
CA SER C 30 -34.13 49.27 9.83
C SER C 30 -32.95 49.96 10.47
N MET C 31 -31.81 50.00 9.78
CA MET C 31 -30.64 50.73 10.26
C MET C 31 -30.52 51.99 9.43
N ALA C 32 -31.64 52.41 8.81
CA ALA C 32 -31.66 53.59 7.93
C ALA C 32 -31.76 54.85 8.74
N GLY C 33 -31.10 55.90 8.23
CA GLY C 33 -31.05 57.20 8.90
C GLY C 33 -32.36 57.74 9.45
N LYS C 34 -32.40 57.89 10.77
CA LYS C 34 -33.58 58.37 11.49
C LYS C 34 -34.80 57.49 11.34
N ARG C 35 -34.57 56.23 11.01
CA ARG C 35 -35.63 55.24 10.88
C ARG C 35 -35.10 53.97 11.56
N GLU C 36 -34.17 54.20 12.49
CA GLU C 36 -33.55 53.14 13.28
C GLU C 36 -34.67 52.66 14.20
N MET C 37 -35.40 51.64 13.77
CA MET C 37 -36.53 51.14 14.54
C MET C 37 -36.86 49.69 14.29
N VAL C 38 -37.84 49.20 15.02
CA VAL C 38 -38.28 47.83 14.86
C VAL C 38 -39.79 47.79 14.65
N ILE C 39 -40.23 46.96 13.72
CA ILE C 39 -41.65 46.81 13.43
C ILE C 39 -42.06 45.36 13.50
N ILE C 40 -43.19 45.14 14.17
CA ILE C 40 -43.75 43.79 14.31
C ILE C 40 -45.24 43.78 14.04
N THR C 41 -45.71 42.72 13.40
CA THR C 41 -47.12 42.58 13.08
C THR C 41 -47.59 41.22 13.58
N PHE C 42 -48.88 41.09 13.81
CA PHE C 42 -49.43 39.81 14.24
C PHE C 42 -50.43 39.40 13.18
N LYS C 43 -50.78 38.11 13.15
CA LYS C 43 -51.73 37.59 12.17
C LYS C 43 -53.05 38.32 12.17
N SER C 44 -53.45 38.89 13.31
CA SER C 44 -54.70 39.61 13.35
C SER C 44 -54.59 41.03 12.79
N GLY C 45 -53.61 41.24 11.93
CA GLY C 45 -53.44 42.52 11.27
C GLY C 45 -52.86 43.69 12.01
N GLU C 46 -52.79 43.62 13.33
CA GLU C 46 -52.23 44.71 14.12
C GLU C 46 -50.70 44.84 13.94
N THR C 47 -50.24 46.08 13.84
CA THR C 47 -48.84 46.42 13.65
C THR C 47 -48.34 47.39 14.75
N PHE C 48 -47.14 47.17 15.27
CA PHE C 48 -46.60 48.04 16.32
C PHE C 48 -45.14 48.38 16.04
N GLN C 49 -44.62 49.33 16.80
CA GLN C 49 -43.25 49.74 16.60
C GLN C 49 -42.57 50.12 17.89
N VAL C 50 -41.25 50.01 17.89
CA VAL C 50 -40.53 50.51 19.01
C VAL C 50 -39.86 51.68 18.28
N GLU C 51 -40.24 52.86 18.76
CA GLU C 51 -39.81 54.12 18.19
C GLU C 51 -38.34 54.44 18.18
N VAL C 52 -37.96 55.30 17.25
CA VAL C 52 -36.60 55.83 17.12
C VAL C 52 -36.33 56.65 18.38
N PRO C 53 -35.16 56.44 19.00
CA PRO C 53 -34.92 57.24 20.22
C PRO C 53 -35.02 58.75 19.88
N GLY C 54 -35.73 59.50 20.73
CA GLY C 54 -35.91 60.92 20.50
C GLY C 54 -36.12 61.81 21.72
N SER C 55 -36.66 63.02 21.49
CA SER C 55 -36.92 64.01 22.53
C SER C 55 -37.89 63.56 23.61
N GLN C 56 -38.87 62.75 23.20
CA GLN C 56 -39.90 62.23 24.13
C GLN C 56 -39.19 61.42 25.20
N HIS C 57 -38.16 60.70 24.79
CA HIS C 57 -37.41 59.81 25.68
C HIS C 57 -36.44 60.45 26.65
N ILE C 58 -36.57 60.04 27.91
CA ILE C 58 -35.70 60.52 28.95
C ILE C 58 -34.47 59.59 28.91
N ASP C 59 -33.36 60.03 29.49
CA ASP C 59 -32.11 59.26 29.51
C ASP C 59 -32.20 57.79 29.95
N SER C 60 -33.01 57.50 30.95
CA SER C 60 -33.16 56.15 31.46
C SER C 60 -33.79 55.22 30.44
N GLN C 61 -34.80 55.73 29.74
CA GLN C 61 -35.48 54.94 28.74
C GLN C 61 -34.52 54.53 27.65
N LYS C 62 -33.61 55.43 27.29
CA LYS C 62 -32.63 55.19 26.26
C LYS C 62 -32.03 53.78 26.29
N LYS C 63 -31.63 53.32 27.47
CA LYS C 63 -31.09 51.98 27.60
C LYS C 63 -32.25 50.99 27.42
N ALA C 64 -33.42 51.36 27.95
CA ALA C 64 -34.61 50.52 27.87
C ALA C 64 -35.05 50.21 26.43
N ILE C 65 -35.03 51.22 25.57
CA ILE C 65 -35.43 51.03 24.18
C ILE C 65 -34.65 49.90 23.53
N GLU C 66 -33.33 49.96 23.71
CA GLU C 66 -32.41 48.96 23.16
C GLU C 66 -32.77 47.55 23.60
N ARG C 67 -32.92 47.38 24.90
CA ARG C 67 -33.28 46.10 25.51
C ARG C 67 -34.58 45.63 24.89
N MET C 68 -35.54 46.55 24.73
CA MET C 68 -36.82 46.19 24.14
C MET C 68 -36.63 45.56 22.77
N LYS C 69 -35.82 46.20 21.93
CA LYS C 69 -35.57 45.66 20.59
C LYS C 69 -34.92 44.29 20.69
N ASP C 70 -34.05 44.12 21.68
CA ASP C 70 -33.40 42.81 21.89
C ASP C 70 -34.44 41.75 22.20
N THR C 71 -35.42 42.09 23.04
CA THR C 71 -36.47 41.16 23.41
C THR C 71 -37.35 40.74 22.26
N LEU C 72 -37.81 41.70 21.48
CA LEU C 72 -38.67 41.40 20.36
C LEU C 72 -37.93 40.49 19.40
N ARG C 73 -36.66 40.80 19.12
CA ARG C 73 -35.87 39.99 18.22
C ARG C 73 -35.88 38.52 18.63
N ILE C 74 -35.53 38.23 19.89
CA ILE C 74 -35.50 36.83 20.34
C ILE C 74 -36.89 36.24 20.49
N THR C 75 -37.89 37.06 20.79
CA THR C 75 -39.23 36.55 20.93
C THR C 75 -39.66 36.00 19.57
N TYR C 76 -39.38 36.79 18.53
CA TYR C 76 -39.73 36.40 17.17
C TYR C 76 -39.07 35.10 16.76
N LEU C 77 -37.75 35.02 16.98
CA LEU C 77 -36.94 33.85 16.61
C LEU C 77 -37.29 32.54 17.26
N THR C 78 -37.79 32.61 18.49
CA THR C 78 -38.15 31.41 19.25
C THR C 78 -39.65 31.13 19.22
N GLU C 79 -40.40 32.03 18.61
CA GLU C 79 -41.82 31.85 18.51
C GLU C 79 -42.49 31.73 19.85
N THR C 80 -42.14 32.62 20.78
CA THR C 80 -42.74 32.60 22.11
C THR C 80 -43.97 33.54 22.12
N LYS C 81 -44.96 33.16 22.89
CA LYS C 81 -46.23 33.86 22.98
C LYS C 81 -46.23 35.16 23.78
N ILE C 82 -46.60 36.27 23.12
CA ILE C 82 -46.74 37.57 23.80
C ILE C 82 -48.15 37.50 24.39
N ASP C 83 -48.29 37.88 25.66
CA ASP C 83 -49.58 37.86 26.32
C ASP C 83 -50.33 39.18 26.04
N LYS C 84 -49.81 40.29 26.56
CA LYS C 84 -50.40 41.60 26.37
C LYS C 84 -49.33 42.62 26.02
N LEU C 85 -49.76 43.77 25.51
CA LEU C 85 -48.84 44.84 25.14
C LEU C 85 -49.44 46.10 25.67
N CYS C 86 -48.61 46.93 26.29
CA CYS C 86 -49.05 48.21 26.81
C CYS C 86 -48.45 49.14 25.78
N VAL C 87 -49.31 49.85 25.03
CA VAL C 87 -48.84 50.73 23.95
C VAL C 87 -49.34 52.17 24.04
N TRP C 88 -48.61 53.09 23.42
CA TRP C 88 -49.01 54.48 23.35
C TRP C 88 -49.83 54.57 22.06
N ASN C 89 -51.09 54.97 22.19
CA ASN C 89 -51.96 55.04 21.03
C ASN C 89 -52.00 56.39 20.33
N ASN C 90 -51.07 57.27 20.65
CA ASN C 90 -51.04 58.56 19.99
C ASN C 90 -49.93 58.55 18.94
N LYS C 91 -49.65 57.34 18.44
CA LYS C 91 -48.60 57.13 17.44
C LYS C 91 -49.10 56.11 16.42
N THR C 92 -48.62 56.22 15.20
CA THR C 92 -49.01 55.32 14.13
C THR C 92 -47.76 54.80 13.42
N PRO C 93 -47.50 53.49 13.52
CA PRO C 93 -48.28 52.53 14.30
C PRO C 93 -48.11 52.74 15.79
N ASN C 94 -49.02 52.17 16.58
CA ASN C 94 -48.99 52.28 18.03
C ASN C 94 -47.59 51.94 18.54
N SER C 95 -47.16 52.65 19.58
CA SER C 95 -45.83 52.50 20.18
C SER C 95 -45.79 51.58 21.43
N ILE C 96 -44.81 50.67 21.49
CA ILE C 96 -44.69 49.72 22.60
C ILE C 96 -44.09 50.36 23.84
N ALA C 97 -44.84 50.29 24.95
CA ALA C 97 -44.43 50.83 26.25
C ALA C 97 -43.94 49.69 27.16
N ALA C 98 -44.58 48.55 27.05
CA ALA C 98 -44.23 47.39 27.86
C ALA C 98 -44.82 46.15 27.24
N ILE C 99 -44.09 45.05 27.36
CA ILE C 99 -44.54 43.78 26.82
C ILE C 99 -44.70 42.82 27.97
N SER C 100 -45.42 41.74 27.71
CA SER C 100 -45.70 40.75 28.71
C SER C 100 -45.81 39.42 27.97
N MET C 101 -45.30 38.35 28.58
CA MET C 101 -45.36 37.01 28.00
C MET C 101 -45.70 36.01 29.10
N LYS C 102 -46.48 34.99 28.77
CA LYS C 102 -46.86 33.99 29.78
C LYS C 102 -46.84 32.60 29.21
N ASN C 103 -46.29 31.70 30.00
CA ASN C 103 -46.20 30.30 29.63
C ASN C 103 -46.32 29.54 30.94
N ALA D 1 -15.03 35.37 50.68
CA ALA D 1 -16.31 35.59 49.93
C ALA D 1 -17.29 34.44 50.19
N PRO D 2 -18.60 34.68 50.01
CA PRO D 2 -19.60 33.64 50.23
C PRO D 2 -19.37 32.48 49.28
N GLN D 3 -19.79 31.29 49.68
CA GLN D 3 -19.64 30.11 48.85
C GLN D 3 -21.01 29.78 48.28
N THR D 4 -22.05 30.36 48.89
CA THR D 4 -23.42 30.10 48.49
C THR D 4 -24.28 31.35 48.59
N ILE D 5 -25.45 31.27 47.97
CA ILE D 5 -26.38 32.38 47.99
C ILE D 5 -26.89 32.61 49.40
N THR D 6 -27.18 31.54 50.13
CA THR D 6 -27.68 31.67 51.51
C THR D 6 -26.67 32.48 52.29
N GLU D 7 -25.42 32.15 52.08
CA GLU D 7 -24.34 32.82 52.75
C GLU D 7 -24.28 34.29 52.38
N LEU D 8 -24.38 34.59 51.10
CA LEU D 8 -24.32 35.98 50.64
C LEU D 8 -25.51 36.79 51.07
N CYS D 9 -26.66 36.15 51.07
CA CYS D 9 -27.92 36.75 51.46
C CYS D 9 -27.90 37.14 52.93
N SER D 10 -27.20 36.34 53.73
CA SER D 10 -27.15 36.58 55.17
C SER D 10 -26.37 37.83 55.55
N GLU D 11 -25.54 38.32 54.63
CA GLU D 11 -24.73 39.50 54.89
C GLU D 11 -25.55 40.79 54.83
N TYR D 12 -26.86 40.64 54.64
CA TYR D 12 -27.75 41.77 54.54
C TYR D 12 -28.95 41.66 55.44
N ARG D 13 -29.49 42.81 55.78
CA ARG D 13 -30.68 42.94 56.62
C ARG D 13 -31.82 43.07 55.62
N ASN D 14 -33.05 42.84 56.07
CA ASN D 14 -34.23 42.97 55.21
C ASN D 14 -34.17 42.08 53.98
N THR D 15 -33.35 41.06 54.09
CA THR D 15 -33.14 40.11 53.03
C THR D 15 -33.92 38.82 53.38
N GLN D 16 -34.11 37.93 52.40
CA GLN D 16 -34.81 36.69 52.63
C GLN D 16 -34.57 35.74 51.47
N ILE D 17 -34.35 34.47 51.77
CA ILE D 17 -34.17 33.45 50.72
C ILE D 17 -35.58 32.88 50.41
N TYR D 18 -35.91 32.78 49.12
CA TYR D 18 -37.15 32.15 48.71
C TYR D 18 -36.70 30.91 47.93
N THR D 19 -37.17 29.74 48.34
CA THR D 19 -36.79 28.54 47.65
C THR D 19 -37.90 28.24 46.63
N ILE D 20 -37.65 28.63 45.38
CA ILE D 20 -38.58 28.51 44.27
C ILE D 20 -38.80 27.12 43.70
N ASN D 21 -37.71 26.50 43.22
CA ASN D 21 -37.76 25.18 42.64
C ASN D 21 -38.82 25.11 41.55
N ASP D 22 -38.68 25.96 40.53
CA ASP D 22 -39.65 26.02 39.44
C ASP D 22 -39.22 27.09 38.42
N LYS D 23 -39.72 26.98 37.19
CA LYS D 23 -39.43 27.97 36.19
C LYS D 23 -40.38 29.17 36.34
N ILE D 24 -40.12 30.24 35.60
CA ILE D 24 -40.94 31.44 35.70
C ILE D 24 -42.28 31.26 34.98
N LEU D 25 -43.33 31.92 35.47
CA LEU D 25 -44.63 31.84 34.82
C LEU D 25 -44.77 32.95 33.76
N SER D 26 -44.52 34.18 34.19
CA SER D 26 -44.61 35.32 33.30
C SER D 26 -43.39 36.20 33.42
N TYR D 27 -43.17 36.94 32.35
CA TYR D 27 -42.08 37.86 32.23
C TYR D 27 -42.68 39.16 31.70
N THR D 28 -42.52 40.25 32.44
CA THR D 28 -43.01 41.53 31.98
C THR D 28 -41.82 42.46 31.95
N GLU D 29 -41.67 43.17 30.82
CA GLU D 29 -40.58 44.11 30.62
C GLU D 29 -41.23 45.45 30.27
N SER D 30 -40.74 46.52 30.89
CA SER D 30 -41.28 47.85 30.67
C SER D 30 -40.20 48.86 30.34
N MET D 31 -40.47 49.70 29.34
CA MET D 31 -39.51 50.73 28.97
C MET D 31 -40.19 52.09 29.14
N ALA D 32 -41.28 52.13 29.91
CA ALA D 32 -41.99 53.38 30.19
C ALA D 32 -41.14 54.16 31.22
N GLY D 33 -40.93 55.45 30.94
CA GLY D 33 -40.13 56.33 31.81
C GLY D 33 -40.37 56.17 33.29
N LYS D 34 -39.28 55.94 34.04
CA LYS D 34 -39.30 55.73 35.48
C LYS D 34 -39.84 54.37 35.92
N ARG D 35 -40.14 53.52 34.95
CA ARG D 35 -40.61 52.18 35.22
C ARG D 35 -39.89 51.24 34.25
N GLU D 36 -38.62 51.51 34.02
CA GLU D 36 -37.82 50.67 33.14
C GLU D 36 -37.45 49.55 34.11
N MET D 37 -38.22 48.46 34.09
CA MET D 37 -37.99 47.38 35.04
C MET D 37 -38.56 46.09 34.50
N VAL D 38 -38.25 44.99 35.19
CA VAL D 38 -38.76 43.68 34.84
C VAL D 38 -39.44 43.05 36.06
N ILE D 39 -40.58 42.42 35.80
CA ILE D 39 -41.37 41.77 36.84
C ILE D 39 -41.59 40.32 36.45
N ILE D 40 -41.47 39.43 37.42
CA ILE D 40 -41.67 38.04 37.13
C ILE D 40 -42.56 37.47 38.20
N THR D 41 -43.41 36.51 37.82
CA THR D 41 -44.30 35.87 38.77
C THR D 41 -44.15 34.35 38.63
N PHE D 42 -44.62 33.61 39.62
CA PHE D 42 -44.54 32.16 39.57
C PHE D 42 -45.89 31.57 39.86
N LYS D 43 -46.05 30.28 39.57
CA LYS D 43 -47.32 29.58 39.79
C LYS D 43 -47.75 29.67 41.24
N SER D 44 -46.80 29.67 42.16
CA SER D 44 -47.12 29.75 43.58
C SER D 44 -47.75 31.06 44.00
N GLY D 45 -47.85 32.01 43.06
CA GLY D 45 -48.45 33.30 43.38
C GLY D 45 -47.45 34.40 43.73
N GLU D 46 -46.15 34.07 43.77
CA GLU D 46 -45.13 35.05 44.10
C GLU D 46 -44.81 35.97 42.91
N THR D 47 -44.40 37.20 43.22
CA THR D 47 -44.05 38.20 42.22
C THR D 47 -42.83 38.98 42.70
N PHE D 48 -41.82 39.11 41.85
CA PHE D 48 -40.61 39.84 42.22
C PHE D 48 -40.25 40.82 41.13
N GLN D 49 -39.44 41.80 41.49
CA GLN D 49 -39.05 42.81 40.52
C GLN D 49 -37.57 43.00 40.59
N VAL D 50 -37.05 43.58 39.52
CA VAL D 50 -35.65 43.98 39.48
C VAL D 50 -35.99 45.46 39.38
N GLU D 51 -35.72 46.15 40.48
CA GLU D 51 -35.97 47.56 40.64
C GLU D 51 -35.38 48.50 39.58
N VAL D 52 -36.05 49.64 39.40
CA VAL D 52 -35.57 50.69 38.49
C VAL D 52 -34.33 51.24 39.19
N PRO D 53 -33.28 51.53 38.41
CA PRO D 53 -32.04 52.07 38.98
C PRO D 53 -32.33 53.38 39.73
N GLY D 54 -31.69 53.52 40.89
CA GLY D 54 -31.89 54.72 41.70
C GLY D 54 -30.77 55.00 42.70
N SER D 55 -31.02 55.93 43.63
CA SER D 55 -30.03 56.29 44.63
C SER D 55 -29.97 55.27 45.77
N GLN D 56 -30.68 54.16 45.60
CA GLN D 56 -30.69 53.06 46.58
C GLN D 56 -29.61 52.06 46.17
N HIS D 57 -29.01 52.31 45.01
CA HIS D 57 -27.99 51.44 44.47
C HIS D 57 -26.66 52.20 44.41
N ILE D 58 -25.56 51.50 44.73
CA ILE D 58 -24.25 52.11 44.61
C ILE D 58 -23.75 51.82 43.18
N ASP D 59 -22.87 52.69 42.68
CA ASP D 59 -22.31 52.56 41.33
C ASP D 59 -21.93 51.18 40.85
N SER D 60 -21.32 50.37 41.71
CA SER D 60 -20.91 49.03 41.32
C SER D 60 -22.07 48.15 40.84
N GLN D 61 -23.27 48.44 41.36
CA GLN D 61 -24.46 47.65 40.99
C GLN D 61 -25.08 47.96 39.65
N LYS D 62 -24.73 49.08 39.04
CA LYS D 62 -25.36 49.40 37.77
C LYS D 62 -25.20 48.37 36.65
N LYS D 63 -23.99 47.86 36.48
CA LYS D 63 -23.71 46.86 35.47
C LYS D 63 -24.49 45.58 35.85
N ALA D 64 -24.42 45.19 37.13
CA ALA D 64 -25.07 44.00 37.64
C ALA D 64 -26.57 44.00 37.46
N ILE D 65 -27.18 45.18 37.56
CA ILE D 65 -28.61 45.30 37.39
C ILE D 65 -29.02 44.81 36.00
N GLU D 66 -28.38 45.36 34.95
CA GLU D 66 -28.68 44.98 33.57
C GLU D 66 -28.49 43.49 33.36
N ARG D 67 -27.44 42.95 33.98
CA ARG D 67 -27.13 41.55 33.87
C ARG D 67 -28.26 40.72 34.42
N MET D 68 -28.81 41.13 35.56
CA MET D 68 -29.90 40.36 36.18
C MET D 68 -31.03 40.26 35.20
N LYS D 69 -31.32 41.37 34.53
CA LYS D 69 -32.37 41.42 33.52
C LYS D 69 -32.10 40.49 32.34
N ASP D 70 -30.86 40.48 31.86
CA ASP D 70 -30.48 39.58 30.76
C ASP D 70 -30.67 38.12 31.25
N THR D 71 -30.20 37.82 32.46
CA THR D 71 -30.34 36.47 32.98
C THR D 71 -31.79 36.02 33.08
N LEU D 72 -32.63 36.91 33.59
CA LEU D 72 -34.04 36.59 33.78
C LEU D 72 -34.81 36.37 32.49
N ARG D 73 -34.44 37.13 31.46
CA ARG D 73 -35.05 37.03 30.18
C ARG D 73 -34.81 35.63 29.61
N ILE D 74 -33.54 35.32 29.39
CA ILE D 74 -33.16 34.02 28.83
C ILE D 74 -33.63 32.82 29.67
N THR D 75 -33.64 32.98 30.98
CA THR D 75 -34.12 31.93 31.88
C THR D 75 -35.57 31.64 31.61
N TYR D 76 -36.36 32.69 31.44
CA TYR D 76 -37.79 32.53 31.15
C TYR D 76 -37.89 31.88 29.80
N LEU D 77 -37.09 32.37 28.86
CA LEU D 77 -37.08 31.85 27.50
C LEU D 77 -36.75 30.37 27.43
N THR D 78 -35.75 29.94 28.18
CA THR D 78 -35.36 28.54 28.15
C THR D 78 -36.18 27.63 29.07
N GLU D 79 -37.15 28.20 29.78
CA GLU D 79 -37.96 27.45 30.73
C GLU D 79 -37.05 26.88 31.80
N THR D 80 -35.95 27.56 32.03
CA THR D 80 -35.00 27.16 33.03
C THR D 80 -35.66 27.24 34.40
N LYS D 81 -35.32 26.28 35.24
CA LYS D 81 -35.87 26.22 36.60
C LYS D 81 -35.00 26.99 37.56
N ILE D 82 -35.63 27.79 38.41
CA ILE D 82 -34.94 28.60 39.41
C ILE D 82 -34.87 27.81 40.72
N ASP D 83 -33.72 27.82 41.38
CA ASP D 83 -33.57 27.12 42.64
C ASP D 83 -34.02 28.07 43.76
N LYS D 84 -33.20 29.07 44.04
CA LYS D 84 -33.48 30.01 45.07
C LYS D 84 -33.22 31.42 44.60
N LEU D 85 -33.88 32.34 45.29
CA LEU D 85 -33.74 33.75 45.07
C LEU D 85 -33.51 34.44 46.44
N CYS D 86 -32.53 35.35 46.51
CA CYS D 86 -32.27 36.13 47.71
C CYS D 86 -32.92 37.44 47.30
N VAL D 87 -33.79 37.98 48.14
CA VAL D 87 -34.47 39.22 47.81
C VAL D 87 -34.60 40.15 49.00
N TRP D 88 -34.74 41.43 48.72
CA TRP D 88 -34.96 42.40 49.77
C TRP D 88 -36.48 42.50 49.96
N ASN D 89 -36.97 42.17 51.17
CA ASN D 89 -38.41 42.19 51.42
C ASN D 89 -38.98 43.51 51.94
N ASN D 90 -38.24 44.58 51.78
CA ASN D 90 -38.70 45.88 52.23
C ASN D 90 -39.22 46.68 51.01
N LYS D 91 -39.61 45.94 49.98
CA LYS D 91 -40.11 46.50 48.72
C LYS D 91 -41.30 45.68 48.22
N THR D 92 -42.16 46.31 47.46
CA THR D 92 -43.32 45.59 46.92
C THR D 92 -43.45 45.85 45.42
N PRO D 93 -43.29 44.80 44.60
CA PRO D 93 -42.98 43.43 45.03
C PRO D 93 -41.54 43.34 45.53
N ASN D 94 -41.20 42.18 46.13
CA ASN D 94 -39.86 41.97 46.66
C ASN D 94 -38.85 42.09 45.54
N SER D 95 -37.75 42.75 45.87
CA SER D 95 -36.65 43.09 44.97
C SER D 95 -35.50 42.06 44.94
N ILE D 96 -35.21 41.58 43.74
CA ILE D 96 -34.15 40.57 43.55
C ILE D 96 -32.75 41.07 43.88
N ALA D 97 -32.06 40.30 44.71
CA ALA D 97 -30.69 40.59 45.11
C ALA D 97 -29.73 39.60 44.44
N ALA D 98 -30.19 38.37 44.31
CA ALA D 98 -29.39 37.32 43.70
C ALA D 98 -30.28 36.15 43.32
N ILE D 99 -29.74 35.24 42.51
CA ILE D 99 -30.51 34.10 42.08
C ILE D 99 -29.58 32.89 41.88
N SER D 100 -30.13 31.70 42.07
CA SER D 100 -29.36 30.47 41.88
C SER D 100 -30.18 29.47 41.08
N MET D 101 -29.51 28.58 40.36
CA MET D 101 -30.24 27.64 39.54
C MET D 101 -30.08 26.15 39.83
N LYS D 102 -28.89 25.60 39.61
CA LYS D 102 -28.69 24.16 39.90
C LYS D 102 -29.52 23.14 39.08
N ASN D 103 -28.80 22.17 38.51
CA ASN D 103 -29.33 21.04 37.71
C ASN D 103 -29.38 21.18 36.19
N ALA E 1 2.32 33.99 21.84
CA ALA E 1 1.35 33.71 22.95
C ALA E 1 1.24 32.21 23.24
N PRO E 2 0.59 31.85 24.35
CA PRO E 2 0.39 30.45 24.76
C PRO E 2 -0.60 29.69 23.88
N GLN E 3 -0.50 28.36 23.87
CA GLN E 3 -1.36 27.56 23.03
C GLN E 3 -2.38 26.67 23.75
N THR E 4 -2.26 26.58 25.08
CA THR E 4 -3.20 25.80 25.87
C THR E 4 -3.46 26.47 27.20
N ILE E 5 -4.55 26.09 27.85
CA ILE E 5 -4.89 26.64 29.17
C ILE E 5 -3.75 26.38 30.15
N THR E 6 -3.18 25.18 30.08
CA THR E 6 -2.07 24.83 30.98
C THR E 6 -0.90 25.79 30.78
N GLU E 7 -0.50 26.00 29.52
CA GLU E 7 0.61 26.90 29.23
C GLU E 7 0.33 28.30 29.79
N LEU E 8 -0.89 28.76 29.63
CA LEU E 8 -1.25 30.08 30.09
C LEU E 8 -1.26 30.21 31.61
N CYS E 9 -1.82 29.20 32.27
CA CYS E 9 -1.99 29.23 33.71
C CYS E 9 -0.66 29.40 34.43
N SER E 10 0.34 28.71 33.90
CA SER E 10 1.69 28.71 34.47
C SER E 10 2.45 30.04 34.36
N GLU E 11 1.89 30.99 33.63
CA GLU E 11 2.56 32.28 33.49
C GLU E 11 2.30 33.15 34.72
N TYR E 12 1.45 32.65 35.61
CA TYR E 12 1.05 33.39 36.81
C TYR E 12 1.36 32.64 38.09
N ARG E 13 1.53 33.38 39.18
CA ARG E 13 1.81 32.79 40.47
C ARG E 13 0.50 32.56 41.17
N ASN E 14 0.47 31.56 42.05
CA ASN E 14 -0.74 31.22 42.80
C ASN E 14 -1.87 30.64 41.99
N THR E 15 -1.58 30.08 40.82
CA THR E 15 -2.65 29.48 40.02
C THR E 15 -2.47 27.97 40.04
N GLN E 16 -3.54 27.27 39.69
CA GLN E 16 -3.49 25.82 39.68
C GLN E 16 -4.50 25.37 38.65
N ILE E 17 -4.19 24.32 37.90
CA ILE E 17 -5.16 23.86 36.92
C ILE E 17 -6.05 22.83 37.59
N TYR E 18 -7.35 22.88 37.26
CA TYR E 18 -8.32 21.92 37.78
C TYR E 18 -8.92 21.23 36.60
N THR E 19 -9.04 19.92 36.70
CA THR E 19 -9.61 19.15 35.61
C THR E 19 -11.03 18.77 36.03
N ILE E 20 -11.99 19.51 35.53
CA ILE E 20 -13.38 19.29 35.87
C ILE E 20 -13.96 18.15 35.08
N ASN E 21 -14.00 18.31 33.75
CA ASN E 21 -14.58 17.33 32.84
C ASN E 21 -16.01 16.94 33.25
N ASP E 22 -16.86 17.94 33.39
CA ASP E 22 -18.27 17.75 33.81
C ASP E 22 -18.89 19.14 33.72
N LYS E 23 -20.22 19.19 33.68
CA LYS E 23 -20.89 20.47 33.60
C LYS E 23 -21.09 21.13 34.96
N ILE E 24 -21.50 22.39 34.92
CA ILE E 24 -21.74 23.19 36.12
C ILE E 24 -23.00 22.70 36.78
N LEU E 25 -22.87 22.19 37.98
CA LEU E 25 -24.04 21.72 38.70
C LEU E 25 -24.88 22.93 39.12
N SER E 26 -24.20 23.91 39.70
CA SER E 26 -24.89 25.07 40.21
C SER E 26 -24.36 26.42 39.72
N TYR E 27 -25.27 27.39 39.61
CA TYR E 27 -24.96 28.75 39.15
C TYR E 27 -25.65 29.80 40.01
N THR E 28 -24.85 30.72 40.57
CA THR E 28 -25.38 31.76 41.41
C THR E 28 -24.89 33.09 40.89
N GLU E 29 -25.80 34.03 40.68
CA GLU E 29 -25.44 35.35 40.15
C GLU E 29 -25.93 36.37 41.14
N SER E 30 -25.14 37.40 41.35
CA SER E 30 -25.53 38.36 42.34
C SER E 30 -25.33 39.81 42.03
N MET E 31 -26.40 40.58 42.19
CA MET E 31 -26.32 42.02 41.97
C MET E 31 -26.15 42.83 43.27
N ALA E 32 -26.11 42.13 44.42
CA ALA E 32 -25.90 42.76 45.73
C ALA E 32 -24.62 43.62 45.82
N GLY E 33 -24.75 44.79 46.45
CA GLY E 33 -23.63 45.69 46.61
C GLY E 33 -22.40 45.10 47.21
N LYS E 34 -21.28 45.22 46.50
CA LYS E 34 -19.99 44.67 46.92
C LYS E 34 -19.91 43.17 46.75
N ARG E 35 -20.99 42.58 46.24
CA ARG E 35 -21.07 41.15 46.01
C ARG E 35 -21.60 40.91 44.61
N GLU E 36 -21.27 41.81 43.70
CA GLU E 36 -21.69 41.69 42.33
C GLU E 36 -20.74 40.64 41.77
N MET E 37 -21.14 39.38 41.88
CA MET E 37 -20.29 38.30 41.43
C MET E 37 -21.08 37.07 41.02
N VAL E 38 -20.35 36.09 40.52
CA VAL E 38 -20.91 34.81 40.09
C VAL E 38 -20.23 33.71 40.90
N ILE E 39 -20.94 32.63 41.16
CA ILE E 39 -20.39 31.49 41.88
C ILE E 39 -20.88 30.24 41.17
N ILE E 40 -19.97 29.31 40.91
CA ILE E 40 -20.35 28.08 40.25
C ILE E 40 -19.90 26.91 41.10
N THR E 41 -20.64 25.83 41.00
CA THR E 41 -20.37 24.63 41.75
C THR E 41 -20.43 23.40 40.86
N PHE E 42 -19.62 22.41 41.20
CA PHE E 42 -19.60 21.17 40.47
C PHE E 42 -20.01 20.04 41.39
N LYS E 43 -20.54 18.97 40.81
CA LYS E 43 -20.98 17.80 41.56
C LYS E 43 -19.79 17.22 42.36
N SER E 44 -18.58 17.53 41.89
CA SER E 44 -17.33 17.10 42.53
C SER E 44 -17.11 17.73 43.92
N GLY E 45 -17.86 18.78 44.23
CA GLY E 45 -17.73 19.41 45.53
C GLY E 45 -17.18 20.81 45.42
N GLU E 46 -16.41 21.01 44.37
CA GLU E 46 -15.74 22.28 44.12
C GLU E 46 -16.58 23.48 43.68
N THR E 47 -16.23 24.61 44.29
CA THR E 47 -16.87 25.90 44.06
C THR E 47 -15.83 26.89 43.57
N PHE E 48 -16.25 27.77 42.68
CA PHE E 48 -15.36 28.77 42.10
C PHE E 48 -16.12 30.06 41.95
N GLN E 49 -15.39 31.17 41.96
CA GLN E 49 -16.03 32.47 41.84
C GLN E 49 -15.33 33.30 40.75
N VAL E 50 -16.04 34.34 40.31
CA VAL E 50 -15.54 35.33 39.38
C VAL E 50 -15.68 36.50 40.36
N GLU E 51 -14.53 37.02 40.78
CA GLU E 51 -14.47 38.09 41.76
C GLU E 51 -15.18 39.40 41.42
N VAL E 52 -15.52 40.12 42.48
CA VAL E 52 -16.11 41.43 42.36
C VAL E 52 -14.96 42.20 41.75
N PRO E 53 -15.21 42.97 40.69
CA PRO E 53 -14.09 43.73 40.12
C PRO E 53 -13.48 44.62 41.21
N GLY E 54 -12.16 44.75 41.21
CA GLY E 54 -11.50 45.57 42.21
C GLY E 54 -10.11 46.06 41.84
N SER E 55 -9.45 46.64 42.83
CA SER E 55 -8.12 47.21 42.71
C SER E 55 -7.04 46.23 42.22
N GLN E 56 -7.25 44.95 42.49
CA GLN E 56 -6.31 43.92 42.07
C GLN E 56 -6.37 43.70 40.58
N HIS E 57 -7.40 44.23 39.91
CA HIS E 57 -7.61 44.06 38.46
C HIS E 57 -7.12 45.22 37.61
N ILE E 58 -6.49 44.89 36.50
CA ILE E 58 -6.03 45.92 35.58
C ILE E 58 -7.19 46.25 34.63
N ASP E 59 -7.14 47.42 34.01
CA ASP E 59 -8.20 47.87 33.11
C ASP E 59 -8.61 46.89 32.03
N SER E 60 -7.64 46.13 31.56
CA SER E 60 -7.85 45.14 30.52
C SER E 60 -8.84 44.08 30.96
N GLN E 61 -8.74 43.75 32.23
CA GLN E 61 -9.56 42.71 32.83
C GLN E 61 -10.98 43.08 33.11
N LYS E 62 -11.25 44.36 33.31
CA LYS E 62 -12.60 44.86 33.61
C LYS E 62 -13.63 44.29 32.64
N LYS E 63 -13.29 44.35 31.38
CA LYS E 63 -14.12 43.88 30.28
C LYS E 63 -14.13 42.36 30.13
N ALA E 64 -12.99 41.72 30.45
CA ALA E 64 -12.91 40.26 30.37
C ALA E 64 -13.73 39.61 31.49
N ILE E 65 -13.82 40.28 32.62
CA ILE E 65 -14.59 39.76 33.75
C ILE E 65 -16.04 39.66 33.32
N GLU E 66 -16.53 40.72 32.66
CA GLU E 66 -17.90 40.70 32.18
C GLU E 66 -18.16 39.57 31.20
N ARG E 67 -17.19 39.27 30.35
CA ARG E 67 -17.33 38.22 29.36
C ARG E 67 -17.35 36.84 30.03
N MET E 68 -16.46 36.64 30.99
CA MET E 68 -16.37 35.35 31.68
C MET E 68 -17.73 35.00 32.30
N LYS E 69 -18.37 35.99 32.90
CA LYS E 69 -19.66 35.81 33.51
C LYS E 69 -20.71 35.43 32.45
N ASP E 70 -20.68 36.15 31.31
CA ASP E 70 -21.58 35.88 30.19
C ASP E 70 -21.38 34.43 29.78
N THR E 71 -20.12 34.05 29.66
CA THR E 71 -19.79 32.71 29.24
C THR E 71 -20.28 31.65 30.22
N LEU E 72 -19.97 31.82 31.49
CA LEU E 72 -20.42 30.85 32.47
C LEU E 72 -21.94 30.69 32.42
N ARG E 73 -22.64 31.81 32.24
CA ARG E 73 -24.09 31.74 32.19
C ARG E 73 -24.59 30.84 31.05
N ILE E 74 -24.11 31.06 29.84
CA ILE E 74 -24.55 30.26 28.71
C ILE E 74 -24.06 28.84 28.84
N THR E 75 -22.89 28.67 29.42
CA THR E 75 -22.33 27.34 29.61
C THR E 75 -23.24 26.51 30.50
N TYR E 76 -23.74 27.15 31.54
CA TYR E 76 -24.61 26.47 32.46
C TYR E 76 -25.96 26.13 31.82
N LEU E 77 -26.58 27.11 31.15
CA LEU E 77 -27.88 26.82 30.51
C LEU E 77 -27.78 25.80 29.40
N THR E 78 -26.69 25.84 28.66
CA THR E 78 -26.43 24.92 27.58
C THR E 78 -26.03 23.58 28.14
N GLU E 79 -25.52 23.55 29.37
CA GLU E 79 -25.09 22.30 30.00
C GLU E 79 -23.88 21.80 29.27
N THR E 80 -23.01 22.74 28.93
CA THR E 80 -21.79 22.47 28.21
C THR E 80 -20.72 21.98 29.18
N LYS E 81 -19.97 20.97 28.76
CA LYS E 81 -18.94 20.39 29.60
C LYS E 81 -17.68 21.22 29.66
N ILE E 82 -17.22 21.46 30.88
CA ILE E 82 -16.01 22.20 31.06
C ILE E 82 -14.88 21.17 31.16
N ASP E 83 -13.79 21.48 30.45
CA ASP E 83 -12.59 20.65 30.41
C ASP E 83 -11.75 20.94 31.66
N LYS E 84 -11.07 22.07 31.67
CA LYS E 84 -10.27 22.42 32.83
C LYS E 84 -10.30 23.93 33.10
N LEU E 85 -9.91 24.31 34.31
CA LEU E 85 -9.92 25.70 34.76
C LEU E 85 -8.57 26.10 35.33
N CYS E 86 -8.28 27.37 35.27
CA CYS E 86 -7.02 27.88 35.76
C CYS E 86 -7.44 28.83 36.85
N VAL E 87 -7.15 28.49 38.09
CA VAL E 87 -7.62 29.35 39.16
C VAL E 87 -6.58 29.84 40.16
N TRP E 88 -6.80 31.05 40.67
CA TRP E 88 -5.94 31.63 41.70
C TRP E 88 -6.42 30.97 42.98
N ASN E 89 -5.51 30.32 43.70
CA ASN E 89 -5.86 29.62 44.93
C ASN E 89 -5.55 30.38 46.23
N ASN E 90 -5.21 31.65 46.08
CA ASN E 90 -4.93 32.51 47.22
C ASN E 90 -6.21 33.29 47.56
N LYS E 91 -7.34 32.75 47.12
CA LYS E 91 -8.63 33.38 47.34
C LYS E 91 -9.62 32.29 47.66
N THR E 92 -10.68 32.62 48.39
CA THR E 92 -11.66 31.62 48.76
C THR E 92 -13.11 32.10 48.64
N PRO E 93 -13.90 31.42 47.77
CA PRO E 93 -13.46 30.29 46.95
C PRO E 93 -12.47 30.75 45.87
N ASN E 94 -11.73 29.81 45.30
CA ASN E 94 -10.75 30.16 44.29
C ASN E 94 -11.33 30.95 43.12
N SER E 95 -10.56 31.95 42.68
CA SER E 95 -10.91 32.86 41.59
C SER E 95 -10.59 32.29 40.21
N ILE E 96 -11.50 32.49 39.26
CA ILE E 96 -11.32 31.97 37.92
C ILE E 96 -10.48 32.86 37.02
N ALA E 97 -9.41 32.30 36.47
CA ALA E 97 -8.54 33.04 35.59
C ALA E 97 -8.76 32.69 34.12
N ALA E 98 -9.14 31.46 33.83
CA ALA E 98 -9.37 31.06 32.45
C ALA E 98 -10.20 29.81 32.46
N ILE E 99 -10.80 29.48 31.34
CA ILE E 99 -11.65 28.29 31.22
C ILE E 99 -11.49 27.66 29.83
N SER E 100 -11.70 26.35 29.72
CA SER E 100 -11.62 25.66 28.44
C SER E 100 -12.71 24.61 28.37
N MET E 101 -13.38 24.55 27.24
CA MET E 101 -14.47 23.61 27.03
C MET E 101 -13.99 22.77 25.88
N LYS E 102 -14.27 21.47 25.94
CA LYS E 102 -13.81 20.61 24.88
C LYS E 102 -14.87 19.62 24.42
N ASN E 103 -14.84 19.39 23.11
CA ASN E 103 -15.72 18.49 22.37
C ASN E 103 -17.16 18.95 22.13
N ALA F 1 38.24 -38.70 2.04
CA ALA F 1 36.89 -38.67 1.45
C ALA F 1 36.22 -39.91 1.98
N PRO F 2 34.87 -39.96 1.97
CA PRO F 2 34.13 -41.13 2.47
C PRO F 2 34.39 -42.38 1.63
N GLN F 3 34.20 -43.54 2.24
CA GLN F 3 34.45 -44.79 1.54
C GLN F 3 33.12 -45.39 1.18
N THR F 4 32.06 -44.88 1.79
CA THR F 4 30.73 -45.44 1.58
C THR F 4 29.63 -44.39 1.50
N ILE F 5 28.48 -44.75 0.93
CA ILE F 5 27.36 -43.81 0.82
C ILE F 5 26.78 -43.44 2.21
N THR F 6 26.91 -44.34 3.17
CA THR F 6 26.44 -44.08 4.53
C THR F 6 27.36 -43.04 5.18
N GLU F 7 28.66 -43.27 5.01
CA GLU F 7 29.65 -42.36 5.53
C GLU F 7 29.41 -40.94 4.97
N LEU F 8 29.21 -40.82 3.67
CA LEU F 8 29.01 -39.50 3.08
C LEU F 8 27.75 -38.85 3.60
N CYS F 9 26.67 -39.62 3.62
CA CYS F 9 25.39 -39.13 4.09
C CYS F 9 25.45 -38.59 5.50
N SER F 10 26.18 -39.28 6.36
CA SER F 10 26.25 -38.87 7.76
C SER F 10 26.93 -37.52 7.97
N GLU F 11 27.66 -37.05 6.98
CA GLU F 11 28.34 -35.77 7.12
C GLU F 11 27.33 -34.65 6.97
N TYR F 12 26.09 -35.00 6.68
CA TYR F 12 25.11 -33.96 6.51
C TYR F 12 23.98 -33.99 7.51
N ARG F 13 23.53 -32.81 7.85
CA ARG F 13 22.41 -32.62 8.73
C ARG F 13 21.19 -32.79 7.80
N ASN F 14 20.05 -33.11 8.36
CA ASN F 14 18.85 -33.23 7.55
C ASN F 14 18.83 -34.35 6.50
N THR F 15 19.87 -35.16 6.43
CA THR F 15 19.90 -36.26 5.45
C THR F 15 19.40 -37.58 6.00
N GLN F 16 19.29 -38.57 5.12
CA GLN F 16 18.77 -39.86 5.53
C GLN F 16 18.95 -40.83 4.40
N ILE F 17 19.15 -42.09 4.78
CA ILE F 17 19.32 -43.17 3.83
C ILE F 17 18.05 -43.99 3.70
N TYR F 18 17.67 -44.28 2.45
CA TYR F 18 16.53 -45.14 2.16
C TYR F 18 17.19 -46.28 1.43
N THR F 19 16.96 -47.48 1.90
CA THR F 19 17.53 -48.63 1.20
C THR F 19 16.39 -48.99 0.25
N ILE F 20 16.64 -48.86 -1.04
CA ILE F 20 15.64 -49.15 -2.06
C ILE F 20 15.55 -50.61 -2.51
N ASN F 21 16.60 -51.11 -3.14
CA ASN F 21 16.60 -52.50 -3.60
C ASN F 21 15.53 -52.79 -4.64
N ASP F 22 15.36 -51.86 -5.57
CA ASP F 22 14.38 -52.02 -6.63
C ASP F 22 14.75 -51.05 -7.72
N LYS F 23 14.14 -51.23 -8.89
CA LYS F 23 14.36 -50.35 -10.01
C LYS F 23 13.32 -49.24 -9.95
N ILE F 24 13.58 -48.16 -10.69
CA ILE F 24 12.70 -47.00 -10.74
C ILE F 24 11.39 -47.41 -11.42
N LEU F 25 10.26 -46.99 -10.85
CA LEU F 25 8.98 -47.31 -11.47
C LEU F 25 8.61 -46.28 -12.53
N SER F 26 8.68 -45.00 -12.16
CA SER F 26 8.34 -43.93 -13.08
C SER F 26 9.43 -42.93 -13.10
N TYR F 27 9.59 -42.31 -14.25
CA TYR F 27 10.58 -41.30 -14.43
C TYR F 27 9.83 -40.15 -15.04
N THR F 28 10.05 -38.96 -14.53
CA THR F 28 9.39 -37.82 -15.07
C THR F 28 10.44 -36.75 -15.24
N GLU F 29 10.37 -36.07 -16.37
CA GLU F 29 11.32 -35.01 -16.71
C GLU F 29 10.56 -33.79 -17.20
N SER F 30 10.84 -32.64 -16.62
CA SER F 30 10.18 -31.41 -17.04
C SER F 30 11.19 -30.41 -17.57
N MET F 31 10.76 -29.66 -18.55
CA MET F 31 11.56 -28.59 -19.09
C MET F 31 10.72 -27.33 -18.95
N ALA F 32 9.72 -27.37 -18.08
CA ALA F 32 8.86 -26.21 -17.85
C ALA F 32 9.71 -25.20 -17.04
N GLY F 33 9.63 -23.90 -17.39
CA GLY F 33 10.40 -22.86 -16.71
C GLY F 33 10.30 -22.91 -15.18
N LYS F 34 11.43 -22.78 -14.51
CA LYS F 34 11.53 -22.82 -13.03
C LYS F 34 11.10 -24.18 -12.43
N ARG F 35 10.73 -25.13 -13.30
CA ARG F 35 10.36 -26.49 -12.87
C ARG F 35 11.15 -27.51 -13.73
N GLU F 36 12.41 -27.17 -14.00
CA GLU F 36 13.29 -28.03 -14.79
C GLU F 36 13.90 -29.00 -13.80
N MET F 37 13.31 -30.18 -13.75
CA MET F 37 13.72 -31.18 -12.78
C MET F 37 13.26 -32.57 -13.18
N VAL F 38 13.65 -33.56 -12.39
CA VAL F 38 13.18 -34.90 -12.64
C VAL F 38 12.60 -35.50 -11.35
N ILE F 39 11.62 -36.38 -11.52
CA ILE F 39 10.95 -37.03 -10.42
C ILE F 39 10.96 -38.51 -10.73
N ILE F 40 11.22 -39.31 -9.70
CA ILE F 40 11.20 -40.76 -9.85
C ILE F 40 10.40 -41.31 -8.69
N THR F 41 9.66 -42.36 -8.97
CA THR F 41 8.85 -43.01 -7.97
C THR F 41 9.17 -44.51 -8.00
N PHE F 42 8.83 -45.21 -6.92
CA PHE F 42 9.05 -46.65 -6.84
C PHE F 42 7.74 -47.38 -6.59
N LYS F 43 7.79 -48.69 -6.74
CA LYS F 43 6.65 -49.55 -6.54
C LYS F 43 6.08 -49.28 -5.14
N SER F 44 6.95 -49.02 -4.17
CA SER F 44 6.52 -48.73 -2.82
C SER F 44 5.71 -47.44 -2.70
N GLY F 45 5.80 -46.58 -3.71
CA GLY F 45 5.07 -45.32 -3.66
C GLY F 45 5.94 -44.17 -3.20
N GLU F 46 7.19 -44.45 -2.84
CA GLU F 46 8.09 -43.38 -2.43
C GLU F 46 8.45 -42.57 -3.66
N THR F 47 8.47 -41.25 -3.52
CA THR F 47 8.79 -40.37 -4.62
C THR F 47 9.97 -39.45 -4.29
N PHE F 48 10.93 -39.37 -5.20
CA PHE F 48 12.10 -38.52 -4.95
C PHE F 48 12.31 -37.53 -6.10
N GLN F 49 13.05 -36.45 -5.83
CA GLN F 49 13.33 -35.44 -6.85
C GLN F 49 14.79 -34.98 -6.88
N VAL F 50 15.16 -34.42 -8.02
CA VAL F 50 16.47 -33.79 -8.19
C VAL F 50 15.92 -32.38 -8.25
N GLU F 51 16.37 -31.50 -7.35
CA GLU F 51 15.86 -30.14 -7.30
C GLU F 51 16.20 -29.26 -8.49
N VAL F 52 15.37 -28.23 -8.71
CA VAL F 52 15.63 -27.29 -9.77
C VAL F 52 16.88 -26.58 -9.24
N PRO F 53 17.86 -26.36 -10.10
CA PRO F 53 19.04 -25.69 -9.57
C PRO F 53 18.70 -24.30 -9.01
N GLY F 54 19.42 -23.91 -7.96
CA GLY F 54 19.15 -22.63 -7.32
C GLY F 54 20.24 -22.14 -6.38
N SER F 55 19.88 -21.19 -5.52
CA SER F 55 20.82 -20.60 -4.56
C SER F 55 21.07 -21.43 -3.31
N GLN F 56 20.37 -22.54 -3.16
CA GLN F 56 20.57 -23.47 -2.05
C GLN F 56 21.69 -24.43 -2.44
N HIS F 57 22.24 -24.19 -3.64
CA HIS F 57 23.34 -24.98 -4.19
C HIS F 57 24.60 -24.11 -4.34
N ILE F 58 25.75 -24.70 -4.12
CA ILE F 58 27.01 -23.97 -4.30
C ILE F 58 27.45 -24.31 -5.72
N ASP F 59 28.45 -23.59 -6.22
CA ASP F 59 28.99 -23.75 -7.57
C ASP F 59 29.28 -25.18 -8.01
N SER F 60 30.01 -25.91 -7.18
CA SER F 60 30.39 -27.28 -7.50
C SER F 60 29.26 -28.27 -7.79
N GLN F 61 28.12 -28.08 -7.15
CA GLN F 61 27.00 -28.98 -7.38
C GLN F 61 26.36 -28.85 -8.74
N LYS F 62 26.63 -27.76 -9.44
CA LYS F 62 26.02 -27.53 -10.75
C LYS F 62 26.18 -28.62 -11.77
N LYS F 63 27.42 -28.94 -12.13
CA LYS F 63 27.61 -30.02 -13.11
C LYS F 63 27.08 -31.32 -12.50
N ALA F 64 27.32 -31.52 -11.20
CA ALA F 64 26.89 -32.72 -10.49
C ALA F 64 25.39 -32.97 -10.62
N ILE F 65 24.62 -31.87 -10.61
CA ILE F 65 23.16 -31.98 -10.75
C ILE F 65 22.78 -32.54 -12.13
N GLU F 66 23.40 -32.05 -13.19
CA GLU F 66 23.12 -32.54 -14.53
C GLU F 66 23.52 -34.02 -14.65
N ARG F 67 24.62 -34.40 -14.02
CA ARG F 67 25.08 -35.79 -14.05
C ARG F 67 24.02 -36.72 -13.44
N MET F 68 23.58 -36.38 -12.24
CA MET F 68 22.58 -37.17 -11.52
C MET F 68 21.36 -37.48 -12.34
N LYS F 69 20.95 -36.50 -13.12
CA LYS F 69 19.78 -36.63 -13.97
C LYS F 69 20.05 -37.58 -15.13
N ASP F 70 21.29 -37.61 -15.59
CA ASP F 70 21.67 -38.51 -16.66
C ASP F 70 21.57 -39.93 -16.11
N THR F 71 22.21 -40.11 -14.99
CA THR F 71 22.24 -41.38 -14.30
C THR F 71 20.84 -41.91 -14.03
N LEU F 72 19.94 -41.06 -13.55
CA LEU F 72 18.59 -41.52 -13.26
C LEU F 72 17.87 -42.01 -14.52
N ARG F 73 17.99 -41.24 -15.60
CA ARG F 73 17.34 -41.61 -16.86
C ARG F 73 17.94 -42.91 -17.40
N ILE F 74 19.26 -43.00 -17.38
CA ILE F 74 19.88 -44.19 -17.89
C ILE F 74 19.61 -45.40 -16.94
N THR F 75 19.46 -45.15 -15.64
CA THR F 75 19.16 -46.22 -14.70
C THR F 75 17.73 -46.65 -14.99
N TYR F 76 16.84 -45.67 -15.16
CA TYR F 76 15.46 -45.99 -15.44
C TYR F 76 15.32 -46.87 -16.69
N LEU F 77 15.92 -46.43 -17.79
CA LEU F 77 15.85 -47.13 -19.05
C LEU F 77 16.35 -48.56 -19.01
N THR F 78 17.43 -48.80 -18.30
CA THR F 78 17.98 -50.14 -18.23
C THR F 78 17.40 -51.00 -17.13
N GLU F 79 16.43 -50.47 -16.38
CA GLU F 79 15.81 -51.20 -15.27
C GLU F 79 16.87 -51.62 -14.29
N THR F 80 17.87 -50.77 -14.11
CA THR F 80 18.95 -51.06 -13.18
C THR F 80 18.47 -50.85 -11.75
N LYS F 81 18.78 -51.83 -10.90
CA LYS F 81 18.38 -51.83 -9.50
C LYS F 81 19.16 -50.83 -8.66
N ILE F 82 18.41 -50.09 -7.85
CA ILE F 82 19.02 -49.10 -7.00
C ILE F 82 19.06 -49.74 -5.61
N ASP F 83 20.17 -49.53 -4.93
CA ASP F 83 20.41 -50.05 -3.61
C ASP F 83 19.97 -49.08 -2.52
N LYS F 84 20.65 -47.96 -2.37
CA LYS F 84 20.27 -46.99 -1.36
C LYS F 84 20.26 -45.58 -1.93
N LEU F 85 19.54 -44.68 -1.26
CA LEU F 85 19.50 -43.30 -1.66
C LEU F 85 19.78 -42.48 -0.40
N CYS F 86 20.68 -41.51 -0.50
CA CYS F 86 20.97 -40.64 0.62
C CYS F 86 20.21 -39.40 0.19
N VAL F 87 19.22 -38.99 0.99
CA VAL F 87 18.39 -37.84 0.63
C VAL F 87 18.26 -36.82 1.74
N TRP F 88 17.92 -35.59 1.35
CA TRP F 88 17.66 -34.50 2.30
C TRP F 88 16.15 -34.63 2.54
N ASN F 89 15.76 -34.89 3.78
CA ASN F 89 14.35 -35.09 4.05
C ASN F 89 13.60 -33.82 4.43
N ASN F 90 14.24 -32.68 4.22
CA ASN F 90 13.60 -31.39 4.53
C ASN F 90 12.94 -30.71 3.32
N LYS F 91 12.71 -31.49 2.27
CA LYS F 91 12.07 -31.01 1.05
C LYS F 91 11.00 -32.04 0.73
N THR F 92 10.01 -31.64 -0.06
CA THR F 92 8.93 -32.56 -0.48
C THR F 92 8.79 -32.47 -2.00
N PRO F 93 9.01 -33.60 -2.74
CA PRO F 93 9.48 -34.93 -2.33
C PRO F 93 10.88 -34.83 -1.80
N ASN F 94 11.32 -35.83 -1.06
CA ASN F 94 12.68 -35.84 -0.53
C ASN F 94 13.63 -35.63 -1.73
N SER F 95 14.71 -34.88 -1.48
CA SER F 95 15.70 -34.53 -2.49
C SER F 95 16.92 -35.43 -2.49
N ILE F 96 17.28 -35.92 -3.68
CA ILE F 96 18.41 -36.82 -3.85
C ILE F 96 19.77 -36.15 -3.71
N ALA F 97 20.63 -36.79 -2.93
CA ALA F 97 21.98 -36.28 -2.69
C ALA F 97 23.01 -37.22 -3.24
N ALA F 98 22.76 -38.51 -3.07
CA ALA F 98 23.69 -39.53 -3.50
C ALA F 98 22.95 -40.81 -3.79
N ILE F 99 23.51 -41.62 -4.67
CA ILE F 99 22.90 -42.88 -5.06
C ILE F 99 23.95 -44.01 -5.06
N SER F 100 23.49 -45.24 -4.85
CA SER F 100 24.39 -46.38 -4.88
C SER F 100 23.70 -47.56 -5.55
N MET F 101 24.45 -48.24 -6.41
CA MET F 101 23.92 -49.40 -7.11
C MET F 101 24.90 -50.51 -6.82
N LYS F 102 24.37 -51.70 -6.58
CA LYS F 102 25.23 -52.82 -6.24
C LYS F 102 24.91 -54.05 -7.06
N ASN F 103 25.97 -54.67 -7.58
CA ASN F 103 25.86 -55.87 -8.38
C ASN F 103 25.45 -57.05 -7.48
N ALA G 1 54.55 -40.91 -26.84
CA ALA G 1 53.54 -41.29 -25.82
C ALA G 1 53.65 -42.76 -25.37
N PRO G 2 53.09 -43.11 -24.19
CA PRO G 2 53.11 -44.46 -23.63
C PRO G 2 52.22 -45.45 -24.39
N GLN G 3 52.67 -46.70 -24.49
CA GLN G 3 51.93 -47.76 -25.17
C GLN G 3 51.02 -48.56 -24.22
N THR G 4 51.11 -48.33 -22.90
CA THR G 4 50.30 -49.04 -21.89
C THR G 4 50.04 -48.23 -20.63
N ILE G 5 49.11 -48.73 -19.82
CA ILE G 5 48.73 -48.10 -18.59
C ILE G 5 49.83 -48.22 -17.54
N THR G 6 50.58 -49.30 -17.62
CA THR G 6 51.67 -49.54 -16.70
C THR G 6 52.80 -48.52 -16.99
N GLU G 7 53.04 -48.32 -18.28
CA GLU G 7 54.06 -47.38 -18.74
C GLU G 7 53.65 -45.95 -18.39
N LEU G 8 52.36 -45.70 -18.53
CA LEU G 8 51.78 -44.39 -18.23
C LEU G 8 51.82 -44.07 -16.74
N CYS G 9 51.45 -45.03 -15.90
CA CYS G 9 51.44 -44.84 -14.46
C CYS G 9 52.86 -44.54 -13.89
N SER G 10 53.90 -45.07 -14.54
CA SER G 10 55.30 -44.90 -14.13
C SER G 10 55.78 -43.48 -14.08
N GLU G 11 55.29 -42.67 -15.00
CA GLU G 11 55.66 -41.27 -15.12
C GLU G 11 55.22 -40.41 -13.93
N TYR G 12 54.43 -40.99 -13.03
CA TYR G 12 53.94 -40.25 -11.88
C TYR G 12 54.38 -40.81 -10.54
N ARG G 13 54.58 -39.92 -9.59
CA ARG G 13 54.98 -40.31 -8.25
C ARG G 13 53.71 -40.67 -7.51
N ASN G 14 53.86 -41.42 -6.42
CA ASN G 14 52.72 -41.81 -5.59
C ASN G 14 51.65 -42.59 -6.33
N THR G 15 52.08 -43.42 -7.25
CA THR G 15 51.14 -44.21 -7.98
C THR G 15 51.56 -45.67 -7.94
N GLN G 16 50.59 -46.53 -8.20
CA GLN G 16 50.84 -47.96 -8.25
C GLN G 16 49.67 -48.51 -9.04
N ILE G 17 49.88 -49.62 -9.73
CA ILE G 17 48.80 -50.21 -10.51
C ILE G 17 48.13 -51.33 -9.74
N TYR G 18 46.86 -51.52 -10.03
CA TYR G 18 46.06 -52.57 -9.40
C TYR G 18 45.44 -53.42 -10.50
N THR G 19 45.76 -54.72 -10.55
CA THR G 19 45.16 -55.59 -11.56
C THR G 19 43.83 -56.09 -11.01
N ILE G 20 42.73 -55.57 -11.56
CA ILE G 20 41.40 -55.95 -11.08
C ILE G 20 40.85 -57.22 -11.73
N ASN G 21 40.76 -57.22 -13.05
CA ASN G 21 40.26 -58.37 -13.79
C ASN G 21 38.88 -58.73 -13.32
N ASP G 22 38.02 -57.73 -13.18
CA ASP G 22 36.70 -58.00 -12.69
C ASP G 22 35.81 -56.79 -12.91
N LYS G 23 34.50 -56.99 -12.77
CA LYS G 23 33.53 -55.93 -12.95
C LYS G 23 33.39 -55.19 -11.64
N ILE G 24 32.82 -54.01 -11.71
CA ILE G 24 32.63 -53.21 -10.51
C ILE G 24 31.52 -53.85 -9.68
N LEU G 25 31.72 -53.89 -8.38
CA LEU G 25 30.72 -54.48 -7.51
C LEU G 25 29.71 -53.38 -7.23
N SER G 26 30.20 -52.22 -6.80
CA SER G 26 29.29 -51.11 -6.55
C SER G 26 29.76 -49.78 -7.14
N TYR G 27 28.78 -48.92 -7.33
CA TYR G 27 29.00 -47.60 -7.85
C TYR G 27 28.17 -46.65 -7.00
N THR G 28 28.84 -45.67 -6.41
CA THR G 28 28.18 -44.67 -5.62
C THR G 28 28.46 -43.32 -6.26
N GLU G 29 27.41 -42.53 -6.42
CA GLU G 29 27.55 -41.22 -7.05
C GLU G 29 26.95 -40.17 -6.12
N SER G 30 27.69 -39.11 -5.86
CA SER G 30 27.25 -38.07 -4.97
C SER G 30 27.08 -36.72 -5.64
N MET G 31 26.02 -36.06 -5.21
CA MET G 31 25.63 -34.75 -5.70
C MET G 31 25.73 -33.73 -4.55
N ALA G 32 26.06 -34.20 -3.35
CA ALA G 32 26.16 -33.32 -2.20
C ALA G 32 27.37 -32.37 -2.27
N GLY G 33 27.16 -31.14 -1.83
CA GLY G 33 28.20 -30.12 -1.88
C GLY G 33 29.48 -30.48 -1.18
N LYS G 34 30.59 -30.18 -1.84
CA LYS G 34 31.92 -30.51 -1.32
C LYS G 34 32.22 -32.00 -1.37
N ARG G 35 31.24 -32.79 -1.85
CA ARG G 35 31.36 -34.24 -2.01
C ARG G 35 30.84 -34.67 -3.37
N GLU G 36 31.19 -33.92 -4.40
CA GLU G 36 30.76 -34.24 -5.76
C GLU G 36 31.74 -35.26 -6.30
N MET G 37 31.41 -36.54 -6.12
CA MET G 37 32.30 -37.60 -6.55
C MET G 37 31.62 -38.94 -6.87
N VAL G 38 32.48 -39.91 -7.19
CA VAL G 38 32.08 -41.27 -7.50
C VAL G 38 33.01 -42.20 -6.77
N ILE G 39 32.45 -43.27 -6.23
CA ILE G 39 33.22 -44.27 -5.50
C ILE G 39 32.81 -45.62 -6.06
N ILE G 40 33.80 -46.46 -6.34
CA ILE G 40 33.52 -47.80 -6.86
C ILE G 40 34.24 -48.77 -5.94
N THR G 41 33.69 -49.97 -5.83
CA THR G 41 34.29 -50.99 -5.01
C THR G 41 34.29 -52.32 -5.74
N PHE G 42 35.15 -53.22 -5.30
CA PHE G 42 35.22 -54.54 -5.90
C PHE G 42 34.96 -55.66 -4.88
N LYS G 43 34.71 -56.85 -5.37
CA LYS G 43 34.43 -58.00 -4.53
C LYS G 43 35.66 -58.28 -3.64
N SER G 44 36.84 -57.93 -4.14
CA SER G 44 38.09 -58.12 -3.41
C SER G 44 38.17 -57.20 -2.21
N GLY G 45 37.24 -56.26 -2.15
CA GLY G 45 37.23 -55.33 -1.03
C GLY G 45 37.88 -53.98 -1.26
N GLU G 46 38.64 -53.82 -2.34
CA GLU G 46 39.27 -52.53 -2.60
C GLU G 46 38.26 -51.49 -3.08
N THR G 47 38.39 -50.29 -2.53
CA THR G 47 37.54 -49.15 -2.81
C THR G 47 38.36 -48.03 -3.48
N PHE G 48 37.79 -47.41 -4.50
CA PHE G 48 38.46 -46.33 -5.20
C PHE G 48 37.50 -45.21 -5.51
N GLN G 49 38.06 -44.01 -5.63
CA GLN G 49 37.30 -42.81 -5.88
C GLN G 49 37.83 -42.02 -7.05
N VAL G 50 36.99 -41.09 -7.50
CA VAL G 50 37.31 -40.13 -8.52
C VAL G 50 37.14 -38.90 -7.63
N GLU G 51 38.24 -38.21 -7.36
CA GLU G 51 38.22 -37.03 -6.49
C GLU G 51 37.37 -35.86 -6.96
N VAL G 52 36.97 -35.05 -5.99
CA VAL G 52 36.20 -33.85 -6.27
C VAL G 52 37.20 -32.94 -6.95
N PRO G 53 36.75 -32.10 -7.89
CA PRO G 53 37.73 -31.21 -8.53
C PRO G 53 38.37 -30.33 -7.47
N GLY G 54 39.59 -29.90 -7.75
CA GLY G 54 40.29 -29.09 -6.79
C GLY G 54 41.61 -28.60 -7.32
N SER G 55 42.35 -27.94 -6.43
CA SER G 55 43.64 -27.33 -6.72
C SER G 55 44.73 -28.22 -7.31
N GLN G 56 44.71 -29.52 -7.00
CA GLN G 56 45.74 -30.41 -7.56
C GLN G 56 45.48 -30.74 -9.04
N HIS G 57 44.37 -30.23 -9.56
CA HIS G 57 43.99 -30.49 -10.94
C HIS G 57 44.30 -29.33 -11.85
N ILE G 58 44.92 -29.59 -12.98
CA ILE G 58 45.19 -28.54 -13.96
C ILE G 58 43.96 -28.47 -14.88
N ASP G 59 43.81 -27.36 -15.61
CA ASP G 59 42.66 -27.17 -16.51
C ASP G 59 42.24 -28.38 -17.39
N SER G 60 43.21 -29.01 -18.05
CA SER G 60 42.96 -30.15 -18.92
C SER G 60 42.41 -31.43 -18.23
N GLN G 61 42.61 -31.55 -16.91
CA GLN G 61 42.14 -32.71 -16.20
C GLN G 61 40.66 -32.55 -15.91
N LYS G 62 40.22 -31.31 -15.75
CA LYS G 62 38.84 -31.02 -15.42
C LYS G 62 37.87 -31.69 -16.39
N LYS G 63 38.16 -31.63 -17.67
CA LYS G 63 37.31 -32.26 -18.69
C LYS G 63 37.49 -33.78 -18.71
N ALA G 64 38.70 -34.25 -18.39
CA ALA G 64 39.00 -35.68 -18.36
C ALA G 64 38.40 -36.33 -17.12
N ILE G 65 38.23 -35.56 -16.06
CA ILE G 65 37.65 -36.07 -14.83
C ILE G 65 36.18 -36.42 -15.06
N GLU G 66 35.48 -35.58 -15.83
CA GLU G 66 34.07 -35.82 -16.17
C GLU G 66 33.94 -37.04 -17.07
N ARG G 67 34.90 -37.21 -17.97
CA ARG G 67 34.92 -38.33 -18.91
C ARG G 67 35.10 -39.66 -18.18
N MET G 68 35.91 -39.63 -17.13
CA MET G 68 36.22 -40.81 -16.29
C MET G 68 34.98 -41.23 -15.51
N LYS G 69 34.25 -40.25 -15.00
CA LYS G 69 33.02 -40.51 -14.28
C LYS G 69 32.03 -41.13 -15.25
N ASP G 70 32.03 -40.64 -16.47
CA ASP G 70 31.15 -41.20 -17.50
C ASP G 70 31.55 -42.68 -17.72
N THR G 71 32.83 -42.92 -18.03
CA THR G 71 33.32 -44.25 -18.28
C THR G 71 32.96 -45.20 -17.16
N LEU G 72 33.20 -44.79 -15.94
CA LEU G 72 32.88 -45.62 -14.81
C LEU G 72 31.41 -46.05 -14.74
N ARG G 73 30.50 -45.09 -14.86
CA ARG G 73 29.05 -45.38 -14.81
C ARG G 73 28.66 -46.38 -15.88
N ILE G 74 29.14 -46.13 -17.10
CA ILE G 74 28.81 -47.00 -18.22
C ILE G 74 29.39 -48.39 -18.04
N THR G 75 30.58 -48.44 -17.43
CA THR G 75 31.27 -49.69 -17.17
C THR G 75 30.45 -50.50 -16.20
N TYR G 76 30.02 -49.85 -15.12
CA TYR G 76 29.24 -50.53 -14.12
C TYR G 76 27.94 -51.02 -14.71
N LEU G 77 27.30 -50.15 -15.48
CA LEU G 77 26.03 -50.52 -16.08
C LEU G 77 26.10 -51.69 -17.02
N THR G 78 27.20 -51.82 -17.76
CA THR G 78 27.38 -52.92 -18.69
C THR G 78 28.12 -54.13 -18.13
N GLU G 79 28.51 -54.07 -16.86
CA GLU G 79 29.27 -55.15 -16.22
C GLU G 79 30.52 -55.49 -17.01
N THR G 80 31.13 -54.47 -17.60
CA THR G 80 32.33 -54.67 -18.36
C THR G 80 33.54 -54.87 -17.44
N LYS G 81 34.32 -55.93 -17.70
CA LYS G 81 35.50 -56.27 -16.90
C LYS G 81 36.60 -55.19 -16.89
N ILE G 82 36.97 -54.70 -15.71
CA ILE G 82 38.04 -53.73 -15.58
C ILE G 82 39.32 -54.57 -15.56
N ASP G 83 40.37 -54.12 -16.22
CA ASP G 83 41.61 -54.90 -16.24
C ASP G 83 42.60 -54.36 -15.21
N LYS G 84 42.89 -53.07 -15.32
CA LYS G 84 43.84 -52.44 -14.44
C LYS G 84 43.49 -50.98 -14.16
N LEU G 85 43.98 -50.48 -13.03
CA LEU G 85 43.77 -49.11 -12.62
C LEU G 85 45.10 -48.53 -12.20
N CYS G 86 45.37 -47.29 -12.57
CA CYS G 86 46.60 -46.65 -12.11
C CYS G 86 46.05 -45.69 -11.07
N VAL G 87 46.61 -45.70 -9.87
CA VAL G 87 46.10 -44.82 -8.82
C VAL G 87 47.12 -44.07 -7.99
N TRP G 88 46.66 -42.98 -7.40
CA TRP G 88 47.48 -42.17 -6.50
C TRP G 88 47.21 -42.71 -5.08
N ASN G 89 48.24 -43.26 -4.43
CA ASN G 89 48.10 -43.84 -3.10
C ASN G 89 48.16 -42.85 -1.96
N ASN G 90 48.29 -41.57 -2.26
CA ASN G 90 48.36 -40.61 -1.17
C ASN G 90 46.99 -40.08 -0.75
N LYS G 91 45.94 -40.84 -1.08
CA LYS G 91 44.57 -40.49 -0.73
C LYS G 91 43.82 -41.75 -0.29
N THR G 92 42.78 -41.58 0.52
CA THR G 92 41.97 -42.69 1.01
C THR G 92 40.49 -42.36 0.75
N PRO G 93 39.80 -43.12 -0.15
CA PRO G 93 40.32 -44.24 -0.95
C PRO G 93 41.33 -43.71 -1.97
N ASN G 94 42.01 -44.61 -2.65
CA ASN G 94 42.94 -44.19 -3.65
C ASN G 94 42.17 -43.51 -4.80
N SER G 95 42.80 -42.48 -5.39
CA SER G 95 42.27 -41.65 -6.47
C SER G 95 42.67 -42.25 -7.83
N ILE G 96 41.70 -42.45 -8.71
CA ILE G 96 41.99 -43.04 -10.01
C ILE G 96 42.73 -42.10 -10.94
N ALA G 97 43.79 -42.58 -11.55
CA ALA G 97 44.54 -41.78 -12.47
C ALA G 97 44.24 -42.19 -13.88
N ALA G 98 44.06 -43.49 -14.09
CA ALA G 98 43.81 -43.99 -15.44
C ALA G 98 43.14 -45.36 -15.29
N ILE G 99 42.53 -45.84 -16.37
CA ILE G 99 41.83 -47.13 -16.34
C ILE G 99 42.02 -47.97 -17.61
N SER G 100 42.13 -49.28 -17.44
CA SER G 100 42.33 -50.20 -18.54
C SER G 100 41.24 -51.27 -18.53
N MET G 101 40.78 -51.65 -19.73
CA MET G 101 39.73 -52.67 -19.90
C MET G 101 40.05 -53.64 -21.03
N LYS G 102 39.70 -54.91 -20.85
CA LYS G 102 39.94 -55.96 -21.83
C LYS G 102 38.71 -56.87 -22.02
N ASN G 103 38.23 -56.94 -23.26
CA ASN G 103 37.08 -57.74 -23.68
C ASN G 103 37.14 -57.72 -25.22
N ALA H 1 34.25 -32.62 -51.26
CA ALA H 1 34.46 -33.41 -50.02
C ALA H 1 34.68 -34.90 -50.33
N PRO H 2 35.52 -35.59 -49.52
CA PRO H 2 35.78 -37.02 -49.76
C PRO H 2 34.58 -37.90 -49.47
N GLN H 3 34.42 -38.93 -50.30
CA GLN H 3 33.33 -39.87 -50.17
C GLN H 3 33.76 -41.02 -49.29
N THR H 4 35.07 -41.28 -49.23
CA THR H 4 35.60 -42.37 -48.41
C THR H 4 36.79 -41.96 -47.52
N ILE H 5 37.03 -42.77 -46.48
CA ILE H 5 38.16 -42.59 -45.57
C ILE H 5 39.50 -42.56 -46.36
N THR H 6 39.65 -43.46 -47.31
CA THR H 6 40.88 -43.52 -48.13
C THR H 6 41.08 -42.20 -48.86
N GLU H 7 40.01 -41.66 -49.44
CA GLU H 7 40.11 -40.39 -50.14
C GLU H 7 40.58 -39.34 -49.14
N LEU H 8 39.96 -39.32 -47.98
CA LEU H 8 40.26 -38.34 -46.95
C LEU H 8 41.71 -38.45 -46.47
N CYS H 9 42.10 -39.66 -46.13
CA CYS H 9 43.43 -39.93 -45.63
C CYS H 9 44.49 -39.37 -46.58
N SER H 10 44.29 -39.63 -47.86
CA SER H 10 45.20 -39.16 -48.89
C SER H 10 45.37 -37.65 -49.00
N GLU H 11 44.61 -36.89 -48.23
CA GLU H 11 44.74 -35.46 -48.28
C GLU H 11 45.84 -35.00 -47.34
N TYR H 12 46.27 -35.89 -46.46
CA TYR H 12 47.28 -35.51 -45.51
C TYR H 12 48.60 -36.22 -45.69
N ARG H 13 49.66 -35.56 -45.23
CA ARG H 13 51.01 -36.10 -45.30
C ARG H 13 51.21 -36.92 -44.02
N ASN H 14 52.15 -37.86 -44.05
CA ASN H 14 52.47 -38.71 -42.91
C ASN H 14 51.28 -39.52 -42.40
N THR H 15 50.47 -40.04 -43.32
CA THR H 15 49.32 -40.85 -42.91
C THR H 15 49.34 -42.18 -43.62
N GLN H 16 48.58 -43.13 -43.08
CA GLN H 16 48.43 -44.42 -43.71
C GLN H 16 47.16 -45.10 -43.26
N ILE H 17 46.71 -46.03 -44.10
CA ILE H 17 45.49 -46.77 -43.85
C ILE H 17 45.83 -48.14 -43.30
N TYR H 18 45.19 -48.49 -42.20
CA TYR H 18 45.35 -49.80 -41.60
C TYR H 18 43.99 -50.46 -41.73
N THR H 19 43.96 -51.66 -42.27
CA THR H 19 42.69 -52.39 -42.42
C THR H 19 42.61 -53.34 -41.20
N ILE H 20 41.78 -52.98 -40.23
CA ILE H 20 41.67 -53.76 -38.99
C ILE H 20 40.69 -54.90 -39.08
N ASN H 21 39.49 -54.62 -39.58
CA ASN H 21 38.49 -55.66 -39.76
C ASN H 21 38.27 -56.50 -38.48
N ASP H 22 38.31 -55.84 -37.33
CA ASP H 22 38.17 -56.54 -36.06
C ASP H 22 37.73 -55.57 -34.99
N LYS H 23 37.31 -56.09 -33.84
CA LYS H 23 36.88 -55.24 -32.73
C LYS H 23 38.05 -54.84 -31.83
N ILE H 24 37.84 -53.82 -31.01
CA ILE H 24 38.90 -53.35 -30.09
C ILE H 24 39.14 -54.39 -29.01
N LEU H 25 40.41 -54.64 -28.69
CA LEU H 25 40.76 -55.63 -27.66
C LEU H 25 40.81 -54.98 -26.28
N SER H 26 41.54 -53.89 -26.17
CA SER H 26 41.65 -53.19 -24.91
C SER H 26 41.48 -51.70 -25.10
N TYR H 27 40.95 -51.10 -24.05
CA TYR H 27 40.67 -49.69 -24.00
C TYR H 27 41.32 -49.12 -22.73
N THR H 28 42.11 -48.08 -22.91
CA THR H 28 42.76 -47.43 -21.80
C THR H 28 42.42 -45.96 -21.87
N GLU H 29 41.95 -45.40 -20.77
CA GLU H 29 41.60 -43.98 -20.67
C GLU H 29 42.37 -43.35 -19.54
N SER H 30 42.99 -42.21 -19.79
CA SER H 30 43.78 -41.55 -18.77
C SER H 30 43.43 -40.11 -18.48
N MET H 31 43.30 -39.78 -17.19
CA MET H 31 43.00 -38.41 -16.80
C MET H 31 44.24 -37.80 -16.11
N ALA H 32 45.35 -38.54 -16.14
CA ALA H 32 46.59 -38.05 -15.55
C ALA H 32 47.10 -36.79 -16.25
N GLY H 33 47.49 -35.81 -15.44
CA GLY H 33 47.97 -34.53 -15.94
C GLY H 33 48.94 -34.56 -17.09
N LYS H 34 48.61 -33.82 -18.14
CA LYS H 34 49.41 -33.74 -19.36
C LYS H 34 49.40 -35.06 -20.11
N ARG H 35 48.54 -35.97 -19.70
CA ARG H 35 48.43 -37.25 -20.35
C ARG H 35 46.99 -37.71 -20.61
N GLU H 36 46.04 -36.77 -20.55
CA GLU H 36 44.60 -37.04 -20.78
C GLU H 36 44.40 -37.61 -22.17
N MET H 37 44.50 -38.92 -22.30
CA MET H 37 44.40 -39.55 -23.62
C MET H 37 43.73 -40.89 -23.59
N VAL H 38 43.51 -41.45 -24.77
CA VAL H 38 42.92 -42.77 -24.91
C VAL H 38 43.80 -43.57 -25.81
N ILE H 39 44.03 -44.84 -25.42
CA ILE H 39 44.86 -45.77 -26.18
C ILE H 39 44.04 -47.02 -26.39
N ILE H 40 44.15 -47.62 -27.57
CA ILE H 40 43.43 -48.84 -27.87
C ILE H 40 44.37 -49.83 -28.54
N THR H 41 44.10 -51.11 -28.39
CA THR H 41 44.94 -52.12 -29.03
C THR H 41 44.06 -53.19 -29.63
N PHE H 42 44.68 -54.03 -30.44
CA PHE H 42 43.98 -55.10 -31.11
C PHE H 42 44.67 -56.40 -30.82
N LYS H 43 43.97 -57.50 -31.07
CA LYS H 43 44.45 -58.87 -30.90
C LYS H 43 45.80 -59.01 -31.64
N SER H 44 45.91 -58.32 -32.78
CA SER H 44 47.12 -58.37 -33.59
C SER H 44 48.30 -57.69 -32.92
N GLY H 45 48.02 -57.07 -31.77
CA GLY H 45 49.07 -56.37 -31.05
C GLY H 45 49.21 -54.93 -31.49
N GLU H 46 48.38 -54.52 -32.44
CA GLU H 46 48.42 -53.16 -32.93
C GLU H 46 47.92 -52.17 -31.86
N THR H 47 48.67 -51.08 -31.65
CA THR H 47 48.35 -50.06 -30.66
C THR H 47 48.17 -48.65 -31.27
N PHE H 48 47.15 -47.91 -30.83
CA PHE H 48 46.93 -46.57 -31.36
C PHE H 48 46.48 -45.64 -30.25
N GLN H 49 46.55 -44.34 -30.51
CA GLN H 49 46.14 -43.32 -29.56
C GLN H 49 45.37 -42.19 -30.24
N VAL H 50 44.68 -41.42 -29.41
CA VAL H 50 43.98 -40.21 -29.84
C VAL H 50 44.85 -39.31 -28.95
N GLU H 51 45.78 -38.58 -29.54
CA GLU H 51 46.70 -37.77 -28.75
C GLU H 51 46.08 -36.81 -27.73
N VAL H 52 46.91 -36.29 -26.83
CA VAL H 52 46.46 -35.31 -25.85
C VAL H 52 46.29 -34.04 -26.68
N PRO H 53 45.24 -33.24 -26.43
CA PRO H 53 45.08 -32.00 -27.22
C PRO H 53 46.36 -31.14 -27.04
N GLY H 54 46.92 -30.64 -28.12
CA GLY H 54 48.12 -29.86 -27.98
C GLY H 54 48.29 -28.78 -29.02
N SER H 55 49.52 -28.33 -29.19
CA SER H 55 49.85 -27.27 -30.15
C SER H 55 49.70 -27.66 -31.62
N GLN H 56 49.74 -28.95 -31.92
CA GLN H 56 49.64 -29.40 -33.32
C GLN H 56 48.23 -29.21 -33.85
N HIS H 57 47.28 -29.33 -32.94
CA HIS H 57 45.86 -29.24 -33.23
C HIS H 57 45.35 -27.83 -33.42
N ILE H 58 44.39 -27.66 -34.32
CA ILE H 58 43.76 -26.36 -34.58
C ILE H 58 42.45 -26.35 -33.78
N ASP H 59 41.95 -25.16 -33.47
CA ASP H 59 40.73 -25.01 -32.69
C ASP H 59 39.61 -25.98 -33.11
N SER H 60 39.35 -26.05 -34.41
CA SER H 60 38.29 -26.91 -34.93
C SER H 60 38.46 -28.39 -34.62
N GLN H 61 39.67 -28.77 -34.23
CA GLN H 61 39.96 -30.15 -33.89
C GLN H 61 39.66 -30.50 -32.44
N LYS H 62 39.51 -29.48 -31.60
CA LYS H 62 39.23 -29.68 -30.18
C LYS H 62 38.00 -30.53 -29.90
N LYS H 63 36.88 -30.15 -30.51
CA LYS H 63 35.62 -30.89 -30.34
C LYS H 63 35.72 -32.30 -30.94
N ALA H 64 36.47 -32.40 -32.02
CA ALA H 64 36.66 -33.68 -32.72
C ALA H 64 37.47 -34.73 -31.94
N ILE H 65 38.44 -34.31 -31.15
CA ILE H 65 39.23 -35.24 -30.37
C ILE H 65 38.31 -35.92 -29.34
N GLU H 66 37.54 -35.09 -28.65
CA GLU H 66 36.59 -35.57 -27.63
C GLU H 66 35.54 -36.49 -28.24
N ARG H 67 35.03 -36.15 -29.42
CA ARG H 67 34.03 -37.01 -30.04
C ARG H 67 34.62 -38.38 -30.33
N MET H 68 35.86 -38.39 -30.83
CA MET H 68 36.55 -39.63 -31.20
C MET H 68 36.72 -40.55 -29.98
N LYS H 69 37.03 -39.95 -28.84
CA LYS H 69 37.17 -40.70 -27.60
C LYS H 69 35.80 -41.28 -27.26
N ASP H 70 34.74 -40.47 -27.34
CA ASP H 70 33.38 -40.96 -27.07
C ASP H 70 33.05 -42.16 -28.02
N THR H 71 33.49 -42.05 -29.28
CA THR H 71 33.27 -43.09 -30.28
C THR H 71 34.01 -44.39 -29.98
N LEU H 72 35.29 -44.30 -29.65
CA LEU H 72 36.10 -45.47 -29.31
C LEU H 72 35.56 -46.20 -28.05
N ARG H 73 35.21 -45.42 -27.04
CA ARG H 73 34.70 -45.98 -25.82
C ARG H 73 33.48 -46.84 -26.17
N ILE H 74 32.53 -46.25 -26.86
CA ILE H 74 31.31 -46.95 -27.24
C ILE H 74 31.49 -48.12 -28.21
N THR H 75 32.40 -48.02 -29.19
CA THR H 75 32.55 -49.16 -30.10
C THR H 75 33.24 -50.29 -29.35
N TYR H 76 34.09 -49.93 -28.39
CA TYR H 76 34.75 -50.97 -27.63
C TYR H 76 33.70 -51.72 -26.79
N LEU H 77 32.86 -50.96 -26.07
CA LEU H 77 31.84 -51.55 -25.22
C LEU H 77 30.84 -52.42 -25.95
N THR H 78 30.47 -52.04 -27.18
CA THR H 78 29.51 -52.83 -27.95
C THR H 78 30.13 -53.94 -28.79
N GLU H 79 31.45 -54.09 -28.72
CA GLU H 79 32.19 -55.11 -29.49
C GLU H 79 32.04 -54.89 -30.99
N THR H 80 31.82 -53.65 -31.39
CA THR H 80 31.65 -53.28 -32.78
C THR H 80 32.96 -53.36 -33.56
N LYS H 81 32.92 -54.01 -34.72
CA LYS H 81 34.09 -54.17 -35.56
C LYS H 81 34.53 -52.86 -36.19
N ILE H 82 35.83 -52.64 -36.29
CA ILE H 82 36.36 -51.45 -36.92
C ILE H 82 36.79 -51.88 -38.32
N ASP H 83 36.40 -51.12 -39.33
CA ASP H 83 36.75 -51.41 -40.74
C ASP H 83 38.14 -50.86 -40.97
N LYS H 84 38.27 -49.56 -41.15
CA LYS H 84 39.61 -49.00 -41.37
C LYS H 84 40.04 -47.92 -40.39
N LEU H 85 41.34 -47.62 -40.41
CA LEU H 85 41.95 -46.60 -39.58
C LEU H 85 42.89 -45.77 -40.44
N CYS H 86 42.79 -44.45 -40.34
CA CYS H 86 43.67 -43.50 -41.04
C CYS H 86 44.48 -42.92 -39.87
N VAL H 87 45.77 -43.21 -39.82
CA VAL H 87 46.59 -42.74 -38.72
C VAL H 87 47.81 -41.98 -39.17
N TRP H 88 48.26 -41.07 -38.32
CA TRP H 88 49.48 -40.33 -38.60
C TRP H 88 50.58 -41.28 -38.14
N ASN H 89 51.54 -41.53 -39.01
CA ASN H 89 52.63 -42.45 -38.70
C ASN H 89 53.93 -41.83 -38.17
N ASN H 90 53.91 -40.55 -37.85
CA ASN H 90 55.10 -39.90 -37.34
C ASN H 90 54.94 -39.70 -35.82
N LYS H 91 54.21 -40.63 -35.18
CA LYS H 91 53.93 -40.61 -33.75
C LYS H 91 53.94 -42.04 -33.23
N THR H 92 54.33 -42.22 -31.96
CA THR H 92 54.32 -43.51 -31.31
C THR H 92 53.53 -43.46 -30.00
N PRO H 93 52.43 -44.21 -29.95
CA PRO H 93 51.95 -45.06 -31.04
C PRO H 93 51.34 -44.19 -32.17
N ASN H 94 50.98 -44.81 -33.27
CA ASN H 94 50.40 -44.08 -34.40
C ASN H 94 49.12 -43.39 -33.92
N SER H 95 48.89 -42.20 -34.43
CA SER H 95 47.78 -41.35 -34.02
C SER H 95 46.60 -41.43 -34.97
N ILE H 96 45.42 -41.65 -34.41
CA ILE H 96 44.20 -41.75 -35.19
C ILE H 96 43.70 -40.41 -35.79
N ALA H 97 43.43 -40.43 -37.09
CA ALA H 97 42.91 -39.26 -37.76
C ALA H 97 41.43 -39.52 -38.12
N ALA H 98 41.09 -40.74 -38.48
CA ALA H 98 39.73 -41.08 -38.83
C ALA H 98 39.42 -42.56 -38.62
N ILE H 99 38.15 -42.89 -38.61
CA ILE H 99 37.74 -44.26 -38.41
C ILE H 99 36.55 -44.57 -39.31
N SER H 100 36.40 -45.84 -39.67
CA SER H 100 35.28 -46.30 -40.48
C SER H 100 34.88 -47.67 -39.97
N MET H 101 33.58 -47.96 -40.02
CA MET H 101 33.03 -49.24 -39.58
C MET H 101 32.01 -49.64 -40.64
N LYS H 102 31.76 -50.93 -40.84
CA LYS H 102 30.80 -51.34 -41.84
C LYS H 102 30.11 -52.67 -41.61
N ASN H 103 28.97 -52.80 -42.28
CA ASN H 103 28.11 -53.98 -42.25
C ASN H 103 28.38 -54.90 -43.45
N ALA I 1 6.93 -25.49 -36.66
CA ALA I 1 5.58 -25.57 -37.30
C ALA I 1 5.39 -26.76 -38.24
N PRO I 2 6.44 -27.09 -39.03
CA PRO I 2 6.27 -28.25 -39.92
C PRO I 2 6.00 -29.45 -39.04
N GLN I 3 5.14 -30.36 -39.49
CA GLN I 3 4.84 -31.55 -38.70
C GLN I 3 5.33 -32.78 -39.41
N THR I 4 6.17 -32.57 -40.43
CA THR I 4 6.70 -33.63 -41.26
C THR I 4 8.05 -33.22 -41.86
N ILE I 5 8.92 -34.20 -42.12
CA ILE I 5 10.23 -33.93 -42.72
C ILE I 5 10.06 -33.36 -44.13
N THR I 6 9.00 -33.76 -44.82
CA THR I 6 8.78 -33.23 -46.15
C THR I 6 8.35 -31.77 -46.16
N GLU I 7 7.56 -31.34 -45.18
CA GLU I 7 7.14 -29.93 -45.09
C GLU I 7 8.32 -29.00 -44.85
N LEU I 8 9.12 -29.27 -43.82
CA LEU I 8 10.26 -28.41 -43.51
C LEU I 8 11.28 -28.48 -44.63
N CYS I 9 11.47 -29.69 -45.13
CA CYS I 9 12.41 -29.89 -46.22
C CYS I 9 11.98 -29.02 -47.37
N SER I 10 10.71 -29.08 -47.68
CA SER I 10 10.18 -28.28 -48.77
C SER I 10 9.78 -26.95 -48.17
N GLU I 11 10.80 -26.26 -47.66
CA GLU I 11 10.70 -24.95 -47.04
C GLU I 11 12.06 -24.28 -47.19
N TYR I 12 12.97 -24.96 -47.89
CA TYR I 12 14.31 -24.43 -48.16
C TYR I 12 14.63 -24.68 -49.63
N ARG I 13 15.60 -23.94 -50.15
CA ARG I 13 15.99 -24.10 -51.54
C ARG I 13 17.14 -25.09 -51.65
N ASN I 14 17.18 -25.82 -52.76
CA ASN I 14 18.24 -26.80 -53.01
C ASN I 14 18.19 -28.00 -52.08
N THR I 15 16.98 -28.42 -51.71
CA THR I 15 16.85 -29.60 -50.87
C THR I 15 16.05 -30.66 -51.58
N GLN I 16 16.16 -31.87 -51.09
CA GLN I 16 15.38 -32.95 -51.67
C GLN I 16 15.32 -34.10 -50.72
N ILE I 17 14.17 -34.76 -50.71
CA ILE I 17 13.96 -35.89 -49.85
C ILE I 17 14.62 -37.12 -50.45
N TYR I 18 14.91 -38.10 -49.62
CA TYR I 18 15.51 -39.34 -50.08
C TYR I 18 14.84 -40.39 -49.22
N THR I 19 14.22 -41.37 -49.84
CA THR I 19 13.56 -42.43 -49.10
C THR I 19 14.50 -43.61 -49.01
N ILE I 20 15.29 -43.60 -47.95
CA ILE I 20 16.26 -44.66 -47.75
C ILE I 20 15.54 -45.93 -47.30
N ASN I 21 14.84 -45.85 -46.19
CA ASN I 21 14.11 -47.00 -45.69
C ASN I 21 15.09 -48.19 -45.55
N ASP I 22 16.15 -47.97 -44.78
CA ASP I 22 17.20 -48.98 -44.55
C ASP I 22 18.20 -48.45 -43.51
N LYS I 23 19.02 -49.35 -43.00
CA LYS I 23 20.05 -49.00 -42.02
C LYS I 23 21.34 -48.63 -42.75
N ILE I 24 22.19 -47.87 -42.07
CA ILE I 24 23.46 -47.40 -42.58
C ILE I 24 24.45 -48.55 -42.77
N LEU I 25 25.01 -48.63 -43.96
CA LEU I 25 25.98 -49.67 -44.27
C LEU I 25 27.33 -49.32 -43.61
N SER I 26 27.79 -48.09 -43.82
CA SER I 26 29.09 -47.67 -43.25
C SER I 26 29.02 -46.36 -42.51
N TYR I 27 29.94 -46.17 -41.57
CA TYR I 27 30.02 -44.95 -40.78
C TYR I 27 31.48 -44.53 -40.70
N THR I 28 31.79 -43.32 -41.17
CA THR I 28 33.17 -42.82 -41.12
C THR I 28 33.20 -41.53 -40.30
N GLU I 29 34.16 -41.44 -39.37
CA GLU I 29 34.35 -40.24 -38.54
C GLU I 29 35.79 -39.73 -38.66
N SER I 30 35.95 -38.45 -38.93
CA SER I 30 37.27 -37.85 -39.08
C SER I 30 37.51 -36.71 -38.11
N MET I 31 38.76 -36.60 -37.64
CA MET I 31 39.17 -35.52 -36.75
C MET I 31 40.39 -34.79 -37.33
N ALA I 32 40.62 -34.99 -38.63
CA ALA I 32 41.74 -34.34 -39.30
C ALA I 32 41.36 -32.89 -39.53
N GLY I 33 42.36 -32.02 -39.53
CA GLY I 33 42.15 -30.58 -39.71
C GLY I 33 41.31 -30.16 -40.89
N LYS I 34 40.31 -29.32 -40.62
CA LYS I 34 39.39 -28.80 -41.62
C LYS I 34 38.49 -29.84 -42.27
N ARG I 35 38.58 -31.08 -41.79
CA ARG I 35 37.74 -32.13 -42.33
C ARG I 35 37.18 -32.86 -41.13
N GLU I 36 36.66 -32.11 -40.18
CA GLU I 36 36.06 -32.68 -38.97
C GLU I 36 34.64 -33.02 -39.41
N MET I 37 34.45 -34.23 -39.90
CA MET I 37 33.15 -34.63 -40.43
C MET I 37 32.77 -36.08 -40.27
N VAL I 38 31.54 -36.38 -40.66
CA VAL I 38 30.99 -37.72 -40.58
C VAL I 38 30.47 -38.05 -41.99
N ILE I 39 30.54 -39.32 -42.36
CA ILE I 39 30.06 -39.76 -43.67
C ILE I 39 29.41 -41.10 -43.53
N ILE I 40 28.23 -41.22 -44.15
CA ILE I 40 27.49 -42.48 -44.10
C ILE I 40 27.14 -42.92 -45.52
N THR I 41 27.08 -44.23 -45.72
CA THR I 41 26.72 -44.79 -47.01
C THR I 41 25.76 -45.93 -46.76
N PHE I 42 24.99 -46.27 -47.79
CA PHE I 42 24.02 -47.35 -47.77
C PHE I 42 24.29 -48.30 -48.92
N LYS I 43 23.74 -49.51 -48.80
CA LYS I 43 23.84 -50.58 -49.79
C LYS I 43 23.60 -50.11 -51.23
N SER I 44 22.68 -49.15 -51.38
CA SER I 44 22.33 -48.60 -52.68
C SER I 44 23.48 -47.84 -53.32
N GLY I 45 24.50 -47.53 -52.53
CA GLY I 45 25.64 -46.80 -53.03
C GLY I 45 25.57 -45.32 -52.69
N GLU I 46 24.52 -44.91 -51.96
CA GLU I 46 24.29 -43.52 -51.57
C GLU I 46 25.14 -43.05 -50.38
N THR I 47 25.97 -42.02 -50.60
CA THR I 47 26.84 -41.49 -49.55
C THR I 47 26.36 -40.12 -49.08
N PHE I 48 26.37 -39.88 -47.79
CA PHE I 48 25.93 -38.57 -47.28
C PHE I 48 26.88 -38.02 -46.24
N GLN I 49 26.85 -36.71 -46.04
CA GLN I 49 27.72 -36.08 -45.09
C GLN I 49 26.98 -35.09 -44.19
N VAL I 50 27.72 -34.64 -43.19
CA VAL I 50 27.28 -33.61 -42.24
C VAL I 50 28.56 -32.81 -42.45
N GLU I 51 28.40 -31.66 -43.07
CA GLU I 51 29.54 -30.82 -43.38
C GLU I 51 30.23 -30.38 -42.11
N VAL I 52 31.49 -29.95 -42.24
CA VAL I 52 32.21 -29.46 -41.08
C VAL I 52 31.60 -28.10 -40.78
N PRO I 53 31.68 -27.65 -39.52
CA PRO I 53 31.09 -26.34 -39.21
C PRO I 53 31.76 -25.25 -40.04
N GLY I 54 30.94 -24.44 -40.69
CA GLY I 54 31.45 -23.37 -41.53
C GLY I 54 30.55 -22.14 -41.54
N SER I 55 31.03 -21.09 -42.20
CA SER I 55 30.32 -19.81 -42.29
C SER I 55 28.89 -19.89 -42.78
N GLN I 56 28.57 -20.93 -43.54
CA GLN I 56 27.21 -21.09 -44.05
C GLN I 56 26.21 -21.33 -42.90
N HIS I 57 26.64 -22.06 -41.89
CA HIS I 57 25.78 -22.37 -40.79
C HIS I 57 25.60 -21.15 -39.90
N ILE I 58 24.40 -20.94 -39.39
CA ILE I 58 24.14 -19.85 -38.47
C ILE I 58 24.48 -20.39 -37.08
N ASP I 59 24.53 -19.49 -36.11
CA ASP I 59 24.87 -19.89 -34.76
C ASP I 59 23.99 -21.00 -34.17
N SER I 60 22.68 -20.90 -34.35
CA SER I 60 21.79 -21.93 -33.82
C SER I 60 22.07 -23.35 -34.39
N GLN I 61 22.65 -23.42 -35.58
CA GLN I 61 22.93 -24.70 -36.23
C GLN I 61 24.13 -25.49 -35.67
N LYS I 62 25.06 -24.78 -35.03
CA LYS I 62 26.29 -25.39 -34.48
C LYS I 62 26.02 -26.51 -33.48
N LYS I 63 25.10 -26.26 -32.54
CA LYS I 63 24.74 -27.24 -31.52
C LYS I 63 24.08 -28.43 -32.19
N ALA I 64 23.22 -28.13 -33.17
CA ALA I 64 22.49 -29.16 -33.91
C ALA I 64 23.41 -30.07 -34.77
N ILE I 65 24.51 -29.51 -35.27
CA ILE I 65 25.45 -30.28 -36.08
C ILE I 65 26.02 -31.41 -35.23
N GLU I 66 26.31 -31.09 -33.98
CA GLU I 66 26.85 -32.07 -33.05
C GLU I 66 25.83 -33.12 -32.72
N ARG I 67 24.62 -32.67 -32.41
CA ARG I 67 23.55 -33.59 -32.07
C ARG I 67 23.28 -34.57 -33.23
N MET I 68 23.43 -34.09 -34.46
CA MET I 68 23.21 -34.92 -35.63
C MET I 68 24.30 -35.97 -35.77
N LYS I 69 25.53 -35.54 -35.55
CA LYS I 69 26.64 -36.47 -35.64
C LYS I 69 26.44 -37.51 -34.51
N ASP I 70 25.81 -37.08 -33.43
CA ASP I 70 25.54 -37.97 -32.30
C ASP I 70 24.49 -38.96 -32.74
N THR I 71 23.40 -38.45 -33.31
CA THR I 71 22.31 -39.31 -33.76
C THR I 71 22.77 -40.35 -34.76
N LEU I 72 23.61 -39.95 -35.70
CA LEU I 72 24.10 -40.87 -36.71
C LEU I 72 24.92 -42.05 -36.17
N ARG I 73 25.81 -41.78 -35.21
CA ARG I 73 26.65 -42.82 -34.61
C ARG I 73 25.77 -43.89 -33.92
N ILE I 74 24.87 -43.45 -33.03
CA ILE I 74 23.99 -44.36 -32.32
C ILE I 74 23.01 -45.08 -33.28
N THR I 75 22.55 -44.43 -34.34
CA THR I 75 21.64 -45.11 -35.27
C THR I 75 22.37 -46.26 -35.93
N TYR I 76 23.63 -46.01 -36.31
CA TYR I 76 24.47 -47.03 -36.93
C TYR I 76 24.74 -48.18 -35.98
N LEU I 77 25.17 -47.87 -34.76
CA LEU I 77 25.48 -48.90 -33.76
C LEU I 77 24.31 -49.83 -33.47
N THR I 78 23.12 -49.25 -33.39
CA THR I 78 21.89 -50.00 -33.12
C THR I 78 21.25 -50.53 -34.40
N GLU I 79 21.91 -50.34 -35.55
CA GLU I 79 21.38 -50.80 -36.84
C GLU I 79 19.94 -50.37 -37.00
N THR I 80 19.65 -49.11 -36.68
CA THR I 80 18.30 -48.58 -36.75
C THR I 80 17.93 -48.08 -38.15
N LYS I 81 16.73 -48.43 -38.64
CA LYS I 81 16.32 -48.03 -39.97
C LYS I 81 16.06 -46.54 -40.16
N ILE I 82 16.72 -45.95 -41.16
CA ILE I 82 16.43 -44.55 -41.44
C ILE I 82 15.32 -44.59 -42.48
N ASP I 83 14.28 -43.79 -42.27
CA ASP I 83 13.16 -43.71 -43.20
C ASP I 83 13.44 -42.71 -44.33
N LYS I 84 13.48 -41.43 -43.98
CA LYS I 84 13.75 -40.41 -44.98
C LYS I 84 14.88 -39.47 -44.56
N LEU I 85 15.54 -38.91 -45.56
CA LEU I 85 16.63 -37.96 -45.40
C LEU I 85 16.28 -36.77 -46.25
N CYS I 86 16.55 -35.59 -45.72
CA CYS I 86 16.33 -34.33 -46.41
C CYS I 86 17.74 -33.78 -46.55
N VAL I 87 18.18 -33.50 -47.78
CA VAL I 87 19.54 -33.03 -48.02
C VAL I 87 19.67 -31.82 -48.93
N TRP I 88 20.83 -31.17 -48.84
CA TRP I 88 21.18 -30.05 -49.68
C TRP I 88 21.92 -30.76 -50.82
N ASN I 89 21.43 -30.61 -52.04
CA ASN I 89 22.04 -31.24 -53.20
C ASN I 89 22.98 -30.29 -54.01
N ASN I 90 23.45 -29.23 -53.35
CA ASN I 90 24.36 -28.25 -53.96
C ASN I 90 25.73 -28.49 -53.30
N LYS I 91 25.90 -29.70 -52.82
CA LYS I 91 27.12 -30.13 -52.16
C LYS I 91 27.33 -31.62 -52.47
N THR I 92 28.60 -32.05 -52.49
CA THR I 92 28.89 -33.45 -52.74
C THR I 92 29.99 -34.03 -51.83
N PRO I 93 29.67 -35.13 -51.12
CA PRO I 93 28.34 -35.78 -51.16
C PRO I 93 27.22 -34.94 -50.55
N ASN I 94 25.98 -35.26 -50.89
CA ASN I 94 24.82 -34.52 -50.39
C ASN I 94 24.93 -34.23 -48.88
N SER I 95 24.54 -33.04 -48.48
CA SER I 95 24.61 -32.61 -47.09
C SER I 95 23.29 -32.80 -46.36
N ILE I 96 23.32 -33.55 -45.26
CA ILE I 96 22.13 -33.84 -44.45
C ILE I 96 21.56 -32.63 -43.72
N ALA I 97 20.26 -32.45 -43.87
CA ALA I 97 19.57 -31.35 -43.21
C ALA I 97 18.61 -31.89 -42.15
N ALA I 98 18.04 -33.06 -42.41
CA ALA I 98 17.12 -33.63 -41.45
C ALA I 98 17.02 -35.13 -41.70
N ILE I 99 16.64 -35.89 -40.67
CA ILE I 99 16.48 -37.36 -40.78
C ILE I 99 15.19 -37.81 -40.09
N SER I 100 14.66 -38.96 -40.51
CA SER I 100 13.47 -39.49 -39.88
C SER I 100 13.57 -41.01 -39.85
N MET I 101 13.25 -41.57 -38.69
CA MET I 101 13.26 -43.02 -38.46
C MET I 101 11.82 -43.32 -38.09
N LYS I 102 11.38 -44.53 -38.38
CA LYS I 102 10.01 -44.87 -38.12
C LYS I 102 9.76 -46.36 -38.09
N ASN I 103 8.57 -46.68 -37.59
CA ASN I 103 7.97 -48.01 -37.44
C ASN I 103 7.77 -48.35 -35.99
N ALA J 1 7.71 -28.95 -3.80
CA ALA J 1 7.78 -29.23 -5.26
C ALA J 1 6.61 -30.14 -5.69
N PRO J 2 6.36 -30.28 -7.02
CA PRO J 2 5.28 -31.13 -7.55
C PRO J 2 5.67 -32.60 -7.43
N GLN J 3 4.71 -33.47 -7.20
CA GLN J 3 5.01 -34.89 -7.07
C GLN J 3 4.68 -35.73 -8.30
N THR J 4 3.93 -35.15 -9.25
CA THR J 4 3.53 -35.85 -10.49
C THR J 4 3.44 -34.89 -11.68
N ILE J 5 3.45 -35.43 -12.91
CA ILE J 5 3.38 -34.62 -14.11
C ILE J 5 2.09 -33.79 -14.14
N THR J 6 1.03 -34.38 -13.60
CA THR J 6 -0.27 -33.73 -13.53
C THR J 6 -0.22 -32.51 -12.62
N GLU J 7 0.51 -32.64 -11.52
CA GLU J 7 0.63 -31.53 -10.58
C GLU J 7 1.32 -30.30 -11.19
N LEU J 8 2.46 -30.49 -11.86
CA LEU J 8 3.18 -29.36 -12.46
C LEU J 8 2.58 -28.84 -13.74
N CYS J 9 1.90 -29.71 -14.49
CA CYS J 9 1.27 -29.27 -15.73
C CYS J 9 0.21 -28.27 -15.36
N SER J 10 -0.57 -28.53 -14.32
CA SER J 10 -1.62 -27.59 -13.93
C SER J 10 -1.13 -26.21 -13.47
N GLU J 11 0.18 -26.08 -13.24
CA GLU J 11 0.74 -24.81 -12.80
C GLU J 11 0.97 -23.84 -13.95
N TYR J 12 0.71 -24.31 -15.17
CA TYR J 12 0.90 -23.49 -16.35
C TYR J 12 -0.36 -23.25 -17.15
N ARG J 13 -0.33 -22.17 -17.91
CA ARG J 13 -1.46 -21.83 -18.74
C ARG J 13 -1.20 -22.35 -20.15
N ASN J 14 -2.28 -22.69 -20.83
CA ASN J 14 -2.18 -23.19 -22.19
C ASN J 14 -1.54 -24.57 -22.29
N THR J 15 -1.53 -25.31 -21.18
CA THR J 15 -0.98 -26.66 -21.14
C THR J 15 -2.11 -27.68 -21.03
N GLN J 16 -1.78 -28.95 -21.18
CA GLN J 16 -2.75 -30.03 -21.07
C GLN J 16 -2.02 -31.37 -21.07
N ILE J 17 -2.63 -32.34 -20.39
CA ILE J 17 -2.09 -33.69 -20.29
C ILE J 17 -2.60 -34.65 -21.37
N TYR J 18 -1.69 -35.42 -21.96
CA TYR J 18 -2.04 -36.42 -22.94
C TYR J 18 -1.65 -37.77 -22.41
N THR J 19 -2.61 -38.66 -22.26
CA THR J 19 -2.35 -39.99 -21.77
C THR J 19 -2.02 -40.79 -23.03
N ILE J 20 -0.73 -41.02 -23.24
CA ILE J 20 -0.26 -41.73 -24.41
C ILE J 20 -0.23 -43.23 -24.22
N ASN J 21 0.50 -43.69 -23.20
CA ASN J 21 0.66 -45.12 -22.88
C ASN J 21 0.99 -45.94 -24.11
N ASP J 22 2.03 -45.51 -24.83
CA ASP J 22 2.49 -46.16 -26.04
C ASP J 22 3.87 -45.61 -26.35
N LYS J 23 4.64 -46.35 -27.15
CA LYS J 23 5.96 -45.87 -27.56
C LYS J 23 5.89 -45.10 -28.90
N ILE J 24 6.91 -44.27 -29.14
CA ILE J 24 7.03 -43.42 -30.32
C ILE J 24 7.14 -44.12 -31.68
N LEU J 25 6.23 -43.80 -32.60
CA LEU J 25 6.23 -44.41 -33.94
C LEU J 25 7.35 -43.86 -34.84
N SER J 26 7.53 -42.54 -34.82
CA SER J 26 8.57 -41.95 -35.63
C SER J 26 9.26 -40.77 -34.93
N TYR J 27 10.50 -40.52 -35.35
CA TYR J 27 11.30 -39.47 -34.77
C TYR J 27 11.95 -38.69 -35.91
N THR J 28 11.81 -37.38 -35.84
CA THR J 28 12.32 -36.48 -36.83
C THR J 28 13.17 -35.41 -36.18
N GLU J 29 14.37 -35.25 -36.70
CA GLU J 29 15.33 -34.29 -36.17
C GLU J 29 15.90 -33.45 -37.32
N SER J 30 15.90 -32.15 -37.12
CA SER J 30 16.35 -31.20 -38.11
C SER J 30 17.49 -30.32 -37.59
N MET J 31 18.47 -30.06 -38.45
CA MET J 31 19.58 -29.18 -38.09
C MET J 31 19.51 -27.97 -39.06
N ALA J 32 18.35 -27.79 -39.67
CA ALA J 32 18.10 -26.70 -40.62
C ALA J 32 17.96 -25.39 -39.86
N GLY J 33 18.73 -24.37 -40.25
CA GLY J 33 18.69 -23.07 -39.59
C GLY J 33 17.29 -22.54 -39.31
N LYS J 34 17.00 -22.25 -38.04
CA LYS J 34 15.69 -21.76 -37.60
C LYS J 34 14.66 -22.88 -37.42
N ARG J 35 14.98 -24.09 -37.89
CA ARG J 35 14.11 -25.25 -37.76
C ARG J 35 14.82 -26.37 -37.00
N GLU J 36 15.79 -25.98 -36.16
CA GLU J 36 16.51 -27.00 -35.39
C GLU J 36 15.63 -27.44 -34.22
N MET J 37 14.87 -28.49 -34.53
CA MET J 37 13.89 -29.06 -33.63
C MET J 37 13.79 -30.58 -33.82
N VAL J 38 12.91 -31.15 -33.02
CA VAL J 38 12.63 -32.57 -33.04
C VAL J 38 11.10 -32.76 -33.06
N ILE J 39 10.63 -33.67 -33.91
CA ILE J 39 9.22 -33.98 -34.04
C ILE J 39 9.05 -35.46 -33.87
N ILE J 40 8.02 -35.83 -33.12
CA ILE J 40 7.69 -37.23 -32.86
C ILE J 40 6.21 -37.45 -33.12
N THR J 41 5.86 -38.68 -33.46
CA THR J 41 4.47 -39.01 -33.69
C THR J 41 4.17 -40.34 -33.05
N PHE J 42 2.87 -40.57 -32.85
CA PHE J 42 2.40 -41.80 -32.26
C PHE J 42 1.44 -42.44 -33.24
N LYS J 43 1.31 -43.77 -33.15
CA LYS J 43 0.45 -44.57 -34.01
C LYS J 43 -0.94 -43.94 -34.15
N SER J 44 -1.46 -43.46 -33.03
CA SER J 44 -2.77 -42.83 -32.95
C SER J 44 -2.89 -41.53 -33.76
N GLY J 45 -1.79 -41.07 -34.35
CA GLY J 45 -1.87 -39.85 -35.15
C GLY J 45 -1.42 -38.54 -34.52
N GLU J 46 -1.41 -38.46 -33.19
CA GLU J 46 -0.99 -37.23 -32.50
C GLU J 46 0.49 -36.95 -32.76
N THR J 47 0.79 -35.69 -33.04
CA THR J 47 2.14 -35.24 -33.35
C THR J 47 2.57 -34.17 -32.36
N PHE J 48 3.81 -34.21 -31.88
CA PHE J 48 4.28 -33.19 -30.92
C PHE J 48 5.66 -32.70 -31.27
N GLN J 49 6.04 -31.53 -30.77
CA GLN J 49 7.36 -31.02 -31.08
C GLN J 49 8.06 -30.44 -29.87
N VAL J 50 9.38 -30.40 -29.97
CA VAL J 50 10.23 -29.76 -28.96
C VAL J 50 10.67 -28.53 -29.78
N GLU J 51 10.09 -27.41 -29.39
CA GLU J 51 10.30 -26.14 -30.06
C GLU J 51 11.75 -25.73 -30.22
N VAL J 52 11.97 -24.94 -31.26
CA VAL J 52 13.29 -24.38 -31.53
C VAL J 52 13.52 -23.40 -30.37
N PRO J 53 14.75 -23.36 -29.82
CA PRO J 53 14.98 -22.43 -28.71
C PRO J 53 14.77 -20.98 -29.19
N GLY J 54 13.89 -20.25 -28.51
CA GLY J 54 13.62 -18.88 -28.86
C GLY J 54 13.47 -18.00 -27.63
N SER J 55 13.00 -16.77 -27.84
CA SER J 55 12.81 -15.78 -26.77
C SER J 55 11.72 -16.11 -25.75
N GLN J 56 10.81 -17.02 -26.08
CA GLN J 56 9.76 -17.40 -25.17
C GLN J 56 10.33 -18.22 -23.97
N HIS J 57 11.54 -18.77 -24.15
CA HIS J 57 12.20 -19.62 -23.14
C HIS J 57 13.17 -18.82 -22.25
N ILE J 58 13.30 -19.20 -20.97
CA ILE J 58 14.25 -18.52 -20.11
C ILE J 58 15.57 -19.27 -20.17
N ASP J 59 16.62 -18.68 -19.62
CA ASP J 59 17.94 -19.31 -19.64
C ASP J 59 18.10 -20.69 -19.06
N SER J 60 17.35 -20.98 -18.01
CA SER J 60 17.41 -22.29 -17.38
C SER J 60 16.72 -23.35 -18.21
N GLN J 61 15.90 -22.90 -19.14
CA GLN J 61 15.19 -23.81 -20.01
C GLN J 61 16.07 -24.27 -21.14
N LYS J 62 17.04 -23.45 -21.49
CA LYS J 62 17.97 -23.73 -22.60
C LYS J 62 18.58 -25.13 -22.49
N LYS J 63 19.10 -25.41 -21.31
CA LYS J 63 19.70 -26.69 -21.03
C LYS J 63 18.70 -27.84 -21.03
N ALA J 64 17.51 -27.59 -20.46
CA ALA J 64 16.47 -28.62 -20.35
C ALA J 64 15.88 -29.03 -21.72
N ILE J 65 15.95 -28.11 -22.66
CA ILE J 65 15.48 -28.36 -24.00
C ILE J 65 16.42 -29.41 -24.61
N GLU J 66 17.72 -29.17 -24.50
CA GLU J 66 18.68 -30.11 -25.03
C GLU J 66 18.53 -31.47 -24.39
N ARG J 67 18.23 -31.49 -23.10
CA ARG J 67 18.05 -32.74 -22.37
C ARG J 67 16.80 -33.45 -22.86
N MET J 68 15.72 -32.70 -23.06
CA MET J 68 14.48 -33.27 -23.54
C MET J 68 14.68 -33.95 -24.91
N LYS J 69 15.47 -33.31 -25.77
CA LYS J 69 15.75 -33.87 -27.10
C LYS J 69 16.56 -35.14 -26.92
N ASP J 70 17.49 -35.12 -25.97
CA ASP J 70 18.30 -36.28 -25.65
C ASP J 70 17.41 -37.44 -25.22
N THR J 71 16.55 -37.17 -24.25
CA THR J 71 15.61 -38.15 -23.75
C THR J 71 14.71 -38.68 -24.86
N LEU J 72 14.35 -37.82 -25.80
CA LEU J 72 13.50 -38.27 -26.87
C LEU J 72 14.11 -39.30 -27.79
N ARG J 73 15.36 -39.11 -28.20
CA ARG J 73 15.91 -40.12 -29.09
C ARG J 73 16.16 -41.44 -28.37
N ILE J 74 16.65 -41.36 -27.14
CA ILE J 74 16.91 -42.59 -26.38
C ILE J 74 15.62 -43.38 -26.24
N THR J 75 14.54 -42.68 -25.88
CA THR J 75 13.21 -43.27 -25.73
C THR J 75 12.81 -43.95 -27.01
N TYR J 76 13.07 -43.26 -28.12
CA TYR J 76 12.73 -43.79 -29.41
C TYR J 76 13.50 -45.09 -29.67
N LEU J 77 14.83 -45.02 -29.64
CA LEU J 77 15.63 -46.21 -29.93
C LEU J 77 15.35 -47.44 -29.03
N THR J 78 14.85 -47.20 -27.83
CA THR J 78 14.59 -48.29 -26.88
C THR J 78 13.16 -48.79 -26.88
N GLU J 79 12.30 -48.15 -27.67
CA GLU J 79 10.89 -48.56 -27.72
C GLU J 79 10.24 -48.40 -26.35
N THR J 80 10.76 -47.49 -25.54
CA THR J 80 10.24 -47.27 -24.19
C THR J 80 8.87 -46.63 -24.32
N LYS J 81 7.98 -46.96 -23.40
CA LYS J 81 6.63 -46.46 -23.46
C LYS J 81 6.45 -45.11 -22.76
N ILE J 82 5.78 -44.18 -23.43
CA ILE J 82 5.50 -42.87 -22.85
C ILE J 82 4.18 -43.01 -22.13
N ASP J 83 4.15 -42.57 -20.88
CA ASP J 83 2.94 -42.64 -20.07
C ASP J 83 2.11 -41.40 -20.42
N LYS J 84 2.57 -40.22 -20.02
CA LYS J 84 1.84 -38.99 -20.30
C LYS J 84 2.73 -37.88 -20.80
N LEU J 85 2.12 -36.89 -21.44
CA LEU J 85 2.83 -35.76 -21.93
C LEU J 85 2.09 -34.51 -21.47
N CYS J 86 2.83 -33.57 -20.88
CA CYS J 86 2.25 -32.29 -20.48
C CYS J 86 2.72 -31.44 -21.66
N VAL J 87 1.81 -30.74 -22.31
CA VAL J 87 2.21 -29.93 -23.46
C VAL J 87 1.48 -28.61 -23.50
N TRP J 88 2.02 -27.67 -24.27
CA TRP J 88 1.43 -26.36 -24.48
C TRP J 88 0.64 -26.48 -25.76
N ASN J 89 -0.69 -26.39 -25.65
CA ASN J 89 -1.53 -26.52 -26.82
C ASN J 89 -1.77 -25.26 -27.62
N ASN J 90 -0.91 -24.25 -27.48
CA ASN J 90 -1.11 -23.01 -28.27
C ASN J 90 -0.08 -22.91 -29.39
N LYS J 91 0.43 -24.07 -29.80
CA LYS J 91 1.39 -24.19 -30.87
C LYS J 91 0.95 -25.36 -31.74
N THR J 92 1.53 -25.49 -32.92
CA THR J 92 1.21 -26.57 -33.86
C THR J 92 2.51 -27.04 -34.53
N PRO J 93 2.97 -28.27 -34.24
CA PRO J 93 2.40 -29.27 -33.32
C PRO J 93 2.46 -28.79 -31.86
N ASN J 94 1.69 -29.43 -30.99
CA ASN J 94 1.73 -29.05 -29.59
C ASN J 94 3.16 -29.20 -29.05
N SER J 95 3.59 -28.26 -28.21
CA SER J 95 4.96 -28.28 -27.66
C SER J 95 5.08 -29.09 -26.39
N ILE J 96 6.15 -29.84 -26.27
CA ILE J 96 6.39 -30.68 -25.10
C ILE J 96 6.91 -29.82 -23.93
N ALA J 97 6.23 -29.92 -22.77
CA ALA J 97 6.65 -29.21 -21.54
C ALA J 97 7.31 -30.21 -20.57
N ALA J 98 6.77 -31.40 -20.48
CA ALA J 98 7.29 -32.44 -19.61
C ALA J 98 6.74 -33.77 -20.09
N ILE J 99 7.45 -34.86 -19.80
CA ILE J 99 7.02 -36.19 -20.19
C ILE J 99 7.12 -37.15 -18.99
N SER J 100 6.37 -38.25 -19.02
CA SER J 100 6.47 -39.25 -17.95
C SER J 100 6.53 -40.63 -18.63
N MET J 101 7.11 -41.63 -17.97
CA MET J 101 7.20 -42.99 -18.53
C MET J 101 7.04 -44.03 -17.45
N LYS J 102 6.54 -45.20 -17.83
CA LYS J 102 6.38 -46.31 -16.90
C LYS J 102 5.89 -47.57 -17.63
N ASN J 103 6.48 -48.71 -17.26
CA ASN J 103 6.16 -50.05 -17.81
C ASN J 103 6.52 -50.43 -19.23
C1 GAA K . -0.71 43.42 12.25
C2 GAA K . 0.11 42.19 12.75
C3 GAA K . -0.75 40.94 12.85
C4 GAA K . -2.03 41.22 13.66
C5 GAA K . -2.77 42.42 13.03
C6 GAA K . -4.01 42.73 13.77
C7 GAA K . -1.52 44.26 10.16
C8 GAA K . -2.91 44.34 10.20
C9 GAA K . -3.52 45.40 9.51
C10 GAA K . -2.67 46.32 8.81
C11 GAA K . -1.28 46.17 8.81
C12 GAA K . -0.68 45.12 9.51
N1 GAA K . -4.96 45.56 9.52
O1 GAA K . -0.94 43.17 10.87
O2 GAA K . 1.20 41.85 11.93
O3 GAA K . 0.04 40.01 13.49
O4 GAA K . -1.76 41.45 15.03
O5 GAA K . -1.92 43.63 13.02
O6 GAA K . -4.65 43.80 13.13
O7 GAA K . -5.53 46.50 8.92
O8 GAA K . -5.71 44.75 10.12
C1 GAA L . -25.67 56.78 2.03
C2 GAA L . -24.97 55.99 0.92
C3 GAA L . -25.58 54.57 0.93
C4 GAA L . -25.41 53.92 2.29
C5 GAA L . -26.02 54.81 3.37
C6 GAA L . -25.90 54.31 4.79
C7 GAA L . -27.94 57.83 2.37
C8 GAA L . -28.52 57.49 3.59
C9 GAA L . -29.34 58.45 4.26
C10 GAA L . -29.54 59.70 3.63
C11 GAA L . -28.94 60.01 2.39
C12 GAA L . -28.12 59.06 1.74
N1 GAA L . -29.96 58.11 5.55
O1 GAA L . -27.11 56.84 1.70
O2 GAA L . -25.03 56.54 -0.43
O3 GAA L . -24.96 53.84 -0.07
O4 GAA L . -24.06 53.78 2.47
O5 GAA L . -25.43 56.16 3.30
O6 GAA L . -26.49 55.36 5.51
O7 GAA L . -30.70 58.92 6.18
O8 GAA L . -29.78 57.01 6.09
C1 GAA M . -44.50 60.26 25.09
C2 GAA M . -45.22 60.19 23.72
C3 GAA M . -45.42 58.69 23.43
C4 GAA M . -44.01 58.01 23.39
C5 GAA M . -43.29 58.17 24.74
C6 GAA M . -41.90 57.60 24.90
C7 GAA M . -44.91 59.95 27.42
C8 GAA M . -44.18 59.01 28.08
C9 GAA M . -43.79 59.26 29.40
C10 GAA M . -44.16 60.48 30.01
C11 GAA M . -44.92 61.43 29.31
C12 GAA M . -45.32 61.16 27.98
N1 GAA M . -43.02 58.30 30.08
O1 GAA M . -45.31 59.66 26.07
O2 GAA M . -46.41 60.97 23.55
O3 GAA M . -46.09 58.59 22.21
O4 GAA M . -43.27 58.63 22.36
O5 GAA M . -43.24 59.58 25.01
O6 GAA M . -41.61 57.76 26.26
O7 GAA M . -42.64 58.50 31.24
O8 GAA M . -42.70 57.25 29.52
C1 GAA N . -31.25 48.96 49.78
C2 GAA N . -32.74 48.85 49.97
C3 GAA N . -33.25 47.53 49.24
C4 GAA N . -32.81 47.51 47.82
C5 GAA N . -31.32 47.63 47.78
C6 GAA N . -30.95 47.56 46.29
C7 GAA N . -29.23 47.82 50.60
C8 GAA N . -28.43 47.38 49.58
C9 GAA N . -27.04 47.37 49.78
C10 GAA N . -26.54 47.81 51.03
C11 GAA N . -27.39 48.25 52.04
C12 GAA N . -28.77 48.26 51.83
N1 GAA N . -26.11 46.92 48.74
O1 GAA N . -30.68 47.82 50.37
O2 GAA N . -33.28 48.86 51.30
O3 GAA N . -34.68 47.55 49.23
O4 GAA N . -33.44 48.63 47.25
O5 GAA N . -30.97 48.93 48.38
O6 GAA N . -29.55 47.55 46.23
O7 GAA N . -24.89 46.93 48.91
O8 GAA N . -26.49 46.51 47.63
C1 GAA O . -4.24 38.91 41.88
C2 GAA O . -4.81 38.18 43.07
C3 GAA O . -5.57 36.95 42.56
C4 GAA O . -6.70 37.49 41.57
C5 GAA O . -6.06 38.33 40.42
C6 GAA O . -7.16 38.92 39.57
C7 GAA O . -2.53 38.58 40.26
C8 GAA O . -2.91 38.51 38.92
C9 GAA O . -2.09 39.10 37.95
C10 GAA O . -0.89 39.74 38.38
C11 GAA O . -0.53 39.78 39.74
C12 GAA O . -1.37 39.20 40.70
N1 GAA O . -2.47 39.07 36.53
O1 GAA O . -3.38 37.99 41.22
O2 GAA O . -3.78 37.80 43.95
O3 GAA O . -6.05 36.30 43.69
O4 GAA O . -7.64 38.31 42.24
O5 GAA O . -5.27 39.41 40.98
O6 GAA O . -6.83 40.16 38.99
O7 GAA O . -1.76 39.58 35.64
O8 GAA O . -3.50 38.51 36.14
C1 GAA P . 20.55 -27.51 1.35
C2 GAA P . 19.06 -27.72 1.62
C3 GAA P . 18.67 -29.12 1.07
C4 GAA P . 18.93 -29.16 -0.42
C5 GAA P . 20.45 -28.96 -0.55
C6 GAA P . 20.92 -28.99 -1.96
C7 GAA P . 22.63 -28.39 2.30
C8 GAA P . 23.50 -28.70 1.27
C9 GAA P . 24.89 -28.56 1.49
C10 GAA P . 25.33 -28.08 2.78
C11 GAA P . 24.42 -27.78 3.79
C12 GAA P . 23.03 -27.93 3.56
N1 GAA P . 25.87 -28.87 0.43
O1 GAA P . 21.23 -28.55 2.07
O2 GAA P . 18.71 -27.66 2.98
O3 GAA P . 17.32 -29.32 1.35
O4 GAA P . 18.14 -28.13 -1.05
O5 GAA P . 20.82 -27.68 -0.03
O6 GAA P . 22.29 -28.81 -1.97
O7 GAA P . 27.08 -28.74 0.62
O8 GAA P . 25.52 -29.27 -0.69
C1 GAA Q . 48.20 -34.71 -7.10
C2 GAA Q . 47.66 -35.34 -5.82
C3 GAA Q . 46.90 -36.64 -6.23
C4 GAA Q . 45.70 -36.16 -7.13
C5 GAA Q . 46.32 -35.51 -8.43
C6 GAA Q . 45.25 -35.01 -9.44
C7 GAA Q . 49.85 -35.15 -8.82
C8 GAA Q . 49.27 -35.30 -10.06
C9 GAA Q . 49.97 -34.83 -11.19
C10 GAA Q . 51.25 -34.23 -10.99
C11 GAA Q . 51.80 -34.10 -9.69
C12 GAA Q . 51.09 -34.57 -8.57
N1 GAA Q . 49.40 -34.96 -12.55
O1 GAA Q . 49.12 -35.64 -7.69
O2 GAA Q . 48.66 -35.62 -4.85
O3 GAA Q . 46.52 -37.41 -5.07
O4 GAA Q . 44.88 -35.28 -6.37
O5 GAA Q . 47.13 -34.39 -8.03
O6 GAA Q . 45.70 -34.01 -10.34
O7 GAA Q . 50.01 -34.55 -13.56
O8 GAA Q . 48.27 -35.49 -12.76
C1 GAA R . 50.42 -33.03 -37.32
C2 GAA R . 51.36 -34.07 -36.76
C3 GAA R . 50.58 -35.40 -36.57
C4 GAA R . 49.29 -35.15 -35.68
C5 GAA R . 48.46 -34.03 -36.34
C6 GAA R . 47.25 -33.71 -35.56
C7 GAA R . 49.28 -32.43 -39.34
C8 GAA R . 47.90 -32.49 -39.26
C9 GAA R . 47.16 -31.52 -39.92
C10 GAA R . 47.84 -30.50 -40.63
C11 GAA R . 49.26 -30.48 -40.70
C12 GAA R . 50.00 -31.46 -40.03
N1 GAA R . 45.71 -31.53 -39.87
O1 GAA R . 50.03 -33.44 -38.65
O2 GAA R . 52.57 -34.34 -37.51
O3 GAA R . 51.49 -36.32 -35.95
O4 GAA R . 49.68 -34.79 -34.35
O5 GAA R . 49.26 -32.84 -36.46
O6 GAA R . 46.39 -32.84 -36.32
O7 GAA R . 45.04 -30.66 -40.44
O8 GAA R . 45.10 -32.40 -39.25
C1 GAA S . 23.32 -23.40 -47.01
C2 GAA S . 24.07 -24.12 -48.10
C3 GAA S . 23.82 -25.61 -47.96
C4 GAA S . 24.35 -26.06 -46.61
C5 GAA S . 23.67 -25.22 -45.49
C6 GAA S . 24.23 -25.54 -44.13
C7 GAA S . 21.01 -22.71 -46.46
C8 GAA S . 20.53 -23.04 -45.21
C9 GAA S . 19.70 -22.11 -44.55
C10 GAA S . 19.39 -20.88 -45.21
C11 GAA S . 19.90 -20.60 -46.48
C12 GAA S . 20.74 -21.52 -47.13
N1 GAA S . 19.14 -22.40 -43.22
O1 GAA S . 21.88 -23.66 -47.13
O2 GAA S . 23.60 -23.64 -49.34
O3 GAA S . 24.41 -26.36 -49.00
O4 GAA S . 25.76 -25.91 -46.59
O5 GAA S . 23.89 -23.81 -45.75
O6 GAA S . 23.37 -25.03 -43.18
O7 GAA S . 18.42 -21.59 -42.61
O8 GAA S . 19.41 -23.47 -42.64
C1 GAA T . 5.49 -19.70 -23.71
C2 GAA T . 4.63 -20.08 -24.94
C3 GAA T . 4.49 -21.64 -24.89
C4 GAA T . 5.89 -22.27 -24.93
C5 GAA T . 6.77 -21.82 -23.73
C6 GAA T . 8.18 -22.29 -23.79
C7 GAA T . 4.81 -19.69 -21.33
C8 GAA T . 5.67 -20.53 -20.68
C9 GAA T . 6.00 -20.26 -19.35
C10 GAA T . 5.41 -19.10 -18.74
C11 GAA T . 4.53 -18.27 -19.45
C12 GAA T . 4.22 -18.56 -20.79
N1 GAA T . 6.94 -21.16 -18.61
O1 GAA T . 4.50 -20.02 -22.69
O2 GAA T . 3.34 -19.43 -24.86
O3 GAA T . 3.70 -22.10 -25.97
O4 GAA T . 6.45 -21.87 -26.11
O5 GAA T . 6.79 -20.36 -23.61
O6 GAA T . 8.64 -22.22 -22.45
O7 GAA T . 7.28 -20.94 -17.42
O8 GAA T . 7.45 -22.17 -19.15
#